data_6XPW
#
_entry.id   6XPW
#
_cell.length_a   90.694
_cell.length_b   101.800
_cell.length_c   113.898
_cell.angle_alpha   90.000
_cell.angle_beta   90.000
_cell.angle_gamma   90.000
#
_symmetry.space_group_name_H-M   'P 21 21 21'
#
loop_
_entity.id
_entity.type
_entity.pdbx_description
1 polymer 'Nucleoside diphosphate kinase'
2 non-polymer 'PHOSPHATE ION'
3 non-polymer "CYTIDINE-5'-DIPHOSPHATE"
4 water water
#
_entity_poly.entity_id   1
_entity_poly.type   'polypeptide(L)'
_entity_poly.pdbx_seq_one_letter_code
;MHHHHHHGSMSNEQTFIAIKPDGVQRGLIGPIISRFENRGFKLVAMKLVSPPQSQLEQHYADLSDKPFFKGLVSYMLSGP
ICAMVWEGRDVVKTGRTILGATNPLASAPGTIRGDFAIDVGRNVCHGSDSVENAKKEIALWFKPEELISWKSATFDWVYE
KA
;
_entity_poly.pdbx_strand_id   A,B,C,E,G,H
#
# COMPACT_ATOMS: atom_id res chain seq x y z
N GLY A 8 34.24 13.03 -0.98
CA GLY A 8 32.83 12.87 -1.29
C GLY A 8 32.02 12.29 -0.14
N SER A 9 30.69 12.42 -0.22
CA SER A 9 29.82 11.85 0.80
C SER A 9 30.00 10.34 0.84
N MET A 10 30.18 9.80 2.04
N MET A 10 30.21 9.80 2.04
CA MET A 10 30.41 8.37 2.22
CA MET A 10 30.41 8.37 2.22
C MET A 10 29.11 7.67 2.62
C MET A 10 29.09 7.68 2.57
N SER A 11 29.01 6.39 2.25
CA SER A 11 27.79 5.63 2.46
C SER A 11 27.61 5.16 3.91
N ASN A 12 28.56 5.43 4.80
CA ASN A 12 28.43 5.06 6.20
C ASN A 12 28.06 6.24 7.09
N GLU A 13 27.63 7.35 6.49
CA GLU A 13 27.07 8.45 7.27
C GLU A 13 25.86 7.95 8.05
N GLN A 14 25.67 8.50 9.25
CA GLN A 14 24.58 8.08 10.12
C GLN A 14 23.77 9.28 10.57
N THR A 15 22.46 9.09 10.73
CA THR A 15 21.60 10.12 11.27
C THR A 15 20.71 9.53 12.34
N PHE A 16 20.23 10.40 13.24
CA PHE A 16 19.28 10.01 14.26
C PHE A 16 17.86 10.37 13.79
N ILE A 17 16.97 9.38 13.76
CA ILE A 17 15.55 9.59 13.46
C ILE A 17 14.75 9.13 14.67
N ALA A 18 13.84 9.96 15.14
CA ALA A 18 12.97 9.55 16.23
C ALA A 18 11.53 9.67 15.78
N ILE A 19 10.71 8.66 16.10
CA ILE A 19 9.28 8.80 15.98
C ILE A 19 8.77 9.31 17.33
N LYS A 20 8.18 10.50 17.32
CA LYS A 20 7.75 11.19 18.52
C LYS A 20 6.49 10.53 19.09
N PRO A 21 6.09 10.90 20.32
CA PRO A 21 4.93 10.21 20.94
C PRO A 21 3.67 10.24 20.09
N ASP A 22 3.42 11.34 19.36
CA ASP A 22 2.22 11.40 18.53
C ASP A 22 2.33 10.43 17.36
N GLY A 23 3.54 10.28 16.78
CA GLY A 23 3.76 9.25 15.77
C GLY A 23 3.47 7.85 16.29
N VAL A 24 3.96 7.53 17.49
CA VAL A 24 3.70 6.21 18.07
C VAL A 24 2.21 6.03 18.36
N GLN A 25 1.59 7.03 19.00
CA GLN A 25 0.16 6.95 19.33
C GLN A 25 -0.70 6.76 18.08
N ARG A 26 -0.38 7.45 16.99
CA ARG A 26 -1.19 7.41 15.80
C ARG A 26 -0.83 6.25 14.88
N GLY A 27 -0.01 5.32 15.36
CA GLY A 27 0.24 4.09 14.63
C GLY A 27 1.06 4.28 13.38
N LEU A 28 2.08 5.13 13.42
CA LEU A 28 2.89 5.46 12.25
C LEU A 28 4.27 4.82 12.29
N ILE A 29 4.52 3.90 13.21
CA ILE A 29 5.86 3.33 13.31
C ILE A 29 6.22 2.58 12.04
N GLY A 30 5.35 1.64 11.62
CA GLY A 30 5.59 0.85 10.44
C GLY A 30 5.78 1.69 9.18
N PRO A 31 4.83 2.60 8.90
CA PRO A 31 4.97 3.43 7.70
C PRO A 31 6.24 4.28 7.68
N ILE A 32 6.63 4.85 8.82
CA ILE A 32 7.82 5.69 8.84
C ILE A 32 9.07 4.86 8.59
N ILE A 33 9.18 3.72 9.27
CA ILE A 33 10.32 2.83 9.04
C ILE A 33 10.36 2.41 7.57
N SER A 34 9.21 2.09 6.98
CA SER A 34 9.19 1.68 5.59
C SER A 34 9.73 2.76 4.66
N ARG A 35 9.49 4.03 4.96
CA ARG A 35 10.01 5.10 4.11
C ARG A 35 11.53 5.04 4.02
N PHE A 36 12.20 4.84 5.15
CA PHE A 36 13.65 4.78 5.16
C PHE A 36 14.15 3.47 4.58
N GLU A 37 13.50 2.35 4.90
CA GLU A 37 13.87 1.06 4.33
C GLU A 37 13.80 1.09 2.82
N ASN A 38 12.66 1.56 2.29
CA ASN A 38 12.42 1.49 0.86
C ASN A 38 13.41 2.35 0.09
N ARG A 39 13.86 3.45 0.70
CA ARG A 39 14.81 4.34 0.04
C ARG A 39 16.18 3.69 -0.12
N GLY A 40 16.51 2.69 0.68
CA GLY A 40 17.81 2.06 0.63
C GLY A 40 18.68 2.30 1.84
N PHE A 41 18.20 3.05 2.82
CA PHE A 41 18.97 3.31 4.03
C PHE A 41 18.92 2.10 4.95
N LYS A 42 19.95 1.99 5.79
CA LYS A 42 20.18 0.80 6.60
C LYS A 42 19.87 1.12 8.05
N LEU A 43 18.98 0.35 8.66
CA LEU A 43 18.72 0.53 10.08
C LEU A 43 19.87 -0.10 10.86
N VAL A 44 20.60 0.71 11.64
CA VAL A 44 21.70 0.19 12.44
C VAL A 44 21.41 0.23 13.94
N ALA A 45 20.39 0.96 14.38
CA ALA A 45 20.00 0.91 15.78
C ALA A 45 18.53 1.28 15.89
N MET A 46 17.85 0.70 16.88
CA MET A 46 16.46 1.08 17.11
C MET A 46 16.05 0.62 18.50
N LYS A 47 15.27 1.44 19.19
CA LYS A 47 14.68 1.01 20.45
C LYS A 47 13.46 1.86 20.75
N LEU A 48 12.45 1.24 21.33
CA LEU A 48 11.34 1.98 21.89
C LEU A 48 11.75 2.41 23.28
N VAL A 49 11.69 3.71 23.56
N VAL A 49 11.66 3.71 23.57
CA VAL A 49 12.18 4.25 24.82
CA VAL A 49 12.20 4.27 24.79
C VAL A 49 11.20 5.28 25.36
C VAL A 49 11.25 5.34 25.35
N SER A 50 11.21 5.45 26.68
CA SER A 50 10.55 6.56 27.36
C SER A 50 11.67 7.27 28.12
N PRO A 51 12.42 8.13 27.45
CA PRO A 51 13.66 8.67 28.05
C PRO A 51 13.35 9.58 29.22
N PRO A 52 14.29 9.72 30.15
CA PRO A 52 14.08 10.66 31.27
C PRO A 52 14.08 12.10 30.82
N GLN A 53 13.41 12.93 31.63
CA GLN A 53 13.30 14.35 31.32
C GLN A 53 14.67 14.99 31.07
N SER A 54 15.68 14.57 31.83
CA SER A 54 17.00 15.20 31.70
C SER A 54 17.59 14.95 30.31
N GLN A 55 17.34 13.77 29.74
CA GLN A 55 17.85 13.49 28.40
C GLN A 55 17.11 14.32 27.35
N LEU A 56 15.80 14.45 27.49
CA LEU A 56 15.05 15.31 26.57
C LEU A 56 15.50 16.76 26.67
N GLU A 57 15.76 17.24 27.88
CA GLU A 57 16.23 18.61 28.04
C GLU A 57 17.61 18.82 27.41
N GLN A 58 18.45 17.79 27.42
CA GLN A 58 19.71 17.87 26.71
C GLN A 58 19.49 17.89 25.21
N HIS A 59 18.57 17.04 24.73
CA HIS A 59 18.30 16.99 23.31
C HIS A 59 17.85 18.35 22.77
N TYR A 60 17.03 19.05 23.56
CA TYR A 60 16.46 20.34 23.18
C TYR A 60 17.16 21.52 23.85
N ALA A 61 18.44 21.37 24.20
CA ALA A 61 19.11 22.42 24.95
C ALA A 61 19.14 23.74 24.18
N ASP A 62 19.15 23.68 22.84
CA ASP A 62 19.12 24.89 22.04
C ASP A 62 17.89 25.75 22.31
N LEU A 63 16.84 25.17 22.91
CA LEU A 63 15.58 25.86 23.14
C LEU A 63 15.29 26.07 24.63
N SER A 64 16.32 25.93 25.48
CA SER A 64 16.10 25.92 26.91
C SER A 64 15.60 27.28 27.42
N ASP A 65 15.96 28.36 26.74
N ASP A 65 15.97 28.36 26.74
CA ASP A 65 15.60 29.70 27.18
CA ASP A 65 15.59 29.71 27.16
C ASP A 65 14.30 30.19 26.57
C ASP A 65 14.20 30.09 26.72
N LYS A 66 13.58 29.33 25.81
CA LYS A 66 12.28 29.71 25.27
C LYS A 66 11.17 29.39 26.29
N PRO A 67 10.04 30.11 26.21
CA PRO A 67 8.98 29.88 27.20
C PRO A 67 8.24 28.55 27.01
N PHE A 68 8.09 28.08 25.78
CA PHE A 68 7.42 26.82 25.52
C PHE A 68 8.31 25.60 25.77
N PHE A 69 9.48 25.81 26.38
CA PHE A 69 10.40 24.70 26.62
C PHE A 69 9.80 23.68 27.57
N LYS A 70 9.24 24.14 28.69
CA LYS A 70 8.65 23.22 29.66
C LYS A 70 7.55 22.37 29.04
N GLY A 71 6.78 22.94 28.11
CA GLY A 71 5.70 22.19 27.50
C GLY A 71 6.15 21.27 26.38
N LEU A 72 7.19 21.67 25.64
CA LEU A 72 7.77 20.77 24.64
C LEU A 72 8.33 19.52 25.30
N VAL A 73 9.06 19.70 26.39
CA VAL A 73 9.62 18.56 27.12
C VAL A 73 8.50 17.70 27.70
N SER A 74 7.44 18.33 28.21
CA SER A 74 6.31 17.60 28.76
C SER A 74 5.63 16.75 27.69
N TYR A 75 5.45 17.30 26.49
CA TYR A 75 4.86 16.50 25.41
C TYR A 75 5.79 15.38 24.99
N MET A 76 7.10 15.63 24.93
CA MET A 76 8.02 14.57 24.56
C MET A 76 8.14 13.49 25.63
N LEU A 77 7.71 13.76 26.85
CA LEU A 77 7.61 12.76 27.91
C LEU A 77 6.28 12.00 27.92
N SER A 78 5.30 12.42 27.11
CA SER A 78 3.91 11.98 27.27
C SER A 78 3.62 10.62 26.64
N GLY A 79 4.57 10.03 25.95
CA GLY A 79 4.38 8.73 25.36
C GLY A 79 5.71 8.17 24.90
N PRO A 80 5.72 6.92 24.47
CA PRO A 80 6.96 6.30 24.02
C PRO A 80 7.48 6.96 22.75
N ILE A 81 8.78 6.75 22.52
CA ILE A 81 9.50 7.27 21.36
C ILE A 81 10.21 6.13 20.68
N CYS A 82 10.12 6.06 19.36
CA CYS A 82 10.87 5.07 18.59
C CYS A 82 12.14 5.74 18.12
N ALA A 83 13.25 5.45 18.79
CA ALA A 83 14.55 6.03 18.48
C ALA A 83 15.30 5.12 17.51
N MET A 84 15.88 5.71 16.47
CA MET A 84 16.53 4.94 15.41
C MET A 84 17.81 5.63 14.95
N VAL A 85 18.78 4.82 14.52
CA VAL A 85 19.92 5.32 13.74
C VAL A 85 19.83 4.68 12.37
N TRP A 86 19.92 5.52 11.33
CA TRP A 86 19.90 5.08 9.94
C TRP A 86 21.21 5.47 9.26
N GLU A 87 21.71 4.60 8.40
CA GLU A 87 23.01 4.77 7.78
C GLU A 87 22.91 4.73 6.27
N GLY A 88 23.61 5.64 5.60
CA GLY A 88 23.66 5.64 4.16
C GLY A 88 24.21 6.95 3.64
N ARG A 89 24.44 6.98 2.33
CA ARG A 89 25.03 8.18 1.75
C ARG A 89 24.06 9.36 1.88
N ASP A 90 24.58 10.45 2.43
CA ASP A 90 23.83 11.69 2.64
C ASP A 90 22.54 11.45 3.43
N VAL A 91 22.56 10.47 4.34
CA VAL A 91 21.32 10.10 5.06
C VAL A 91 20.84 11.25 5.94
N VAL A 92 21.73 12.11 6.42
CA VAL A 92 21.26 13.22 7.24
C VAL A 92 20.36 14.14 6.41
N LYS A 93 20.90 14.64 5.29
CA LYS A 93 20.17 15.58 4.44
C LYS A 93 18.98 14.92 3.78
N THR A 94 19.17 13.74 3.21
CA THR A 94 18.06 13.07 2.55
C THR A 94 17.02 12.61 3.57
N GLY A 95 17.45 12.17 4.75
CA GLY A 95 16.49 11.89 5.81
C GLY A 95 15.59 13.07 6.13
N ARG A 96 16.17 14.27 6.22
CA ARG A 96 15.34 15.46 6.49
C ARG A 96 14.35 15.71 5.36
N THR A 97 14.79 15.53 4.12
CA THR A 97 13.88 15.67 2.99
C THR A 97 12.74 14.66 3.05
N ILE A 98 13.04 13.42 3.45
CA ILE A 98 12.01 12.39 3.57
C ILE A 98 11.00 12.74 4.65
N LEU A 99 11.46 13.27 5.79
CA LEU A 99 10.54 13.73 6.82
C LEU A 99 9.66 14.86 6.32
N GLY A 100 10.22 15.72 5.46
CA GLY A 100 9.52 16.91 5.02
C GLY A 100 9.80 18.08 5.93
N ALA A 101 9.28 19.25 5.51
CA ALA A 101 9.48 20.48 6.27
C ALA A 101 9.10 20.29 7.74
N THR A 102 9.92 20.87 8.64
CA THR A 102 9.67 20.73 10.07
C THR A 102 8.25 21.11 10.44
N ASN A 103 7.77 22.22 9.92
CA ASN A 103 6.36 22.59 10.07
C ASN A 103 5.56 21.88 8.98
N PRO A 104 4.65 20.96 9.33
CA PRO A 104 3.93 20.23 8.27
C PRO A 104 3.14 21.13 7.34
N LEU A 105 2.76 22.31 7.80
CA LEU A 105 2.07 23.25 6.94
C LEU A 105 2.89 23.59 5.69
N ALA A 106 4.22 23.56 5.80
CA ALA A 106 5.11 23.87 4.70
C ALA A 106 5.64 22.62 4.00
N SER A 107 5.24 21.42 4.43
CA SER A 107 5.79 20.19 3.88
C SER A 107 5.06 19.80 2.62
N ALA A 108 5.69 18.90 1.86
CA ALA A 108 5.12 18.44 0.60
C ALA A 108 4.48 17.06 0.77
N PRO A 109 3.28 16.83 0.24
CA PRO A 109 2.78 15.45 0.17
C PRO A 109 3.80 14.54 -0.51
N GLY A 110 3.89 13.31 -0.02
CA GLY A 110 4.98 12.42 -0.38
C GLY A 110 6.07 12.31 0.68
N THR A 111 6.18 13.33 1.54
CA THR A 111 7.05 13.24 2.70
C THR A 111 6.25 12.68 3.89
N ILE A 112 6.95 12.37 4.97
CA ILE A 112 6.26 11.84 6.16
C ILE A 112 5.30 12.89 6.72
N ARG A 113 5.79 14.11 6.95
CA ARG A 113 4.91 15.13 7.51
C ARG A 113 3.87 15.58 6.49
N GLY A 114 4.22 15.60 5.20
CA GLY A 114 3.24 15.93 4.18
C GLY A 114 2.16 14.89 4.00
N ASP A 115 2.40 13.67 4.48
CA ASP A 115 1.37 12.64 4.41
C ASP A 115 0.60 12.48 5.72
N PHE A 116 1.21 12.81 6.86
CA PHE A 116 0.69 12.38 8.15
C PHE A 116 0.52 13.44 9.22
N ALA A 117 0.98 14.68 9.01
CA ALA A 117 1.05 15.60 10.14
C ALA A 117 0.49 16.96 9.76
N ILE A 118 0.10 17.72 10.78
CA ILE A 118 -0.54 19.01 10.55
C ILE A 118 0.15 20.11 11.36
N ASP A 119 0.28 19.92 12.66
CA ASP A 119 0.83 20.92 13.57
C ASP A 119 2.33 20.73 13.77
N VAL A 120 3.07 21.84 13.81
CA VAL A 120 4.51 21.73 14.03
C VAL A 120 4.83 21.12 15.40
N GLY A 121 4.01 21.40 16.42
CA GLY A 121 4.14 20.80 17.73
C GLY A 121 3.68 19.36 17.82
N ARG A 122 3.17 18.82 16.73
CA ARG A 122 2.75 17.42 16.62
C ARG A 122 3.23 16.94 15.26
N ASN A 123 4.54 17.03 15.01
CA ASN A 123 5.06 16.77 13.67
C ASN A 123 5.67 15.38 13.55
N VAL A 124 5.22 14.45 14.41
N VAL A 124 5.26 14.46 14.42
CA VAL A 124 5.35 12.98 14.42
CA VAL A 124 5.41 13.01 14.23
C VAL A 124 6.76 12.42 14.40
C VAL A 124 6.83 12.52 14.41
N CYS A 125 7.78 13.23 14.11
N CYS A 125 7.81 13.21 13.81
CA CYS A 125 9.12 12.67 14.00
CA CYS A 125 9.15 12.65 13.69
C CYS A 125 10.17 13.75 14.16
C CYS A 125 10.21 13.74 13.89
N HIS A 126 11.42 13.30 14.26
CA HIS A 126 12.59 14.18 14.31
C HIS A 126 13.71 13.58 13.45
N GLY A 127 14.45 14.44 12.76
CA GLY A 127 15.70 13.98 12.16
C GLY A 127 16.84 14.94 12.42
N SER A 128 18.05 14.43 12.62
CA SER A 128 19.22 15.30 12.80
C SER A 128 19.35 16.29 11.65
N ASP A 129 19.78 17.52 11.97
CA ASP A 129 19.85 18.53 10.93
C ASP A 129 21.25 18.70 10.34
N SER A 130 22.25 18.00 10.86
CA SER A 130 23.61 18.09 10.35
C SER A 130 24.36 16.85 10.77
N VAL A 131 25.47 16.56 10.08
CA VAL A 131 26.27 15.40 10.41
C VAL A 131 26.79 15.51 11.85
N GLU A 132 27.23 16.70 12.25
CA GLU A 132 27.78 16.82 13.60
C GLU A 132 26.69 16.73 14.66
N ASN A 133 25.51 17.32 14.39
CA ASN A 133 24.40 17.15 15.32
C ASN A 133 23.93 15.71 15.37
N ALA A 134 23.97 15.00 14.23
CA ALA A 134 23.63 13.58 14.25
C ALA A 134 24.55 12.80 15.18
N LYS A 135 25.86 13.03 15.06
CA LYS A 135 26.78 12.35 15.96
C LYS A 135 26.43 12.64 17.42
N LYS A 136 26.16 13.90 17.74
CA LYS A 136 25.81 14.24 19.12
C LYS A 136 24.50 13.58 19.54
N GLU A 137 23.50 13.58 18.68
CA GLU A 137 22.22 12.97 19.06
C GLU A 137 22.36 11.46 19.19
N ILE A 138 23.13 10.83 18.32
CA ILE A 138 23.34 9.40 18.42
C ILE A 138 24.02 9.05 19.74
N ALA A 139 24.99 9.88 20.15
CA ALA A 139 25.65 9.59 21.42
C ALA A 139 24.73 9.84 22.60
N LEU A 140 23.80 10.78 22.45
CA LEU A 140 22.87 11.08 23.55
C LEU A 140 21.84 9.97 23.73
N TRP A 141 21.30 9.45 22.62
CA TRP A 141 20.16 8.53 22.71
C TRP A 141 20.57 7.06 22.74
N PHE A 142 21.79 6.72 22.32
CA PHE A 142 22.20 5.34 22.18
C PHE A 142 23.52 5.10 22.87
N LYS A 143 23.67 3.93 23.43
CA LYS A 143 24.97 3.40 23.79
C LYS A 143 25.66 2.84 22.54
N PRO A 144 26.99 2.95 22.45
CA PRO A 144 27.67 2.50 21.22
C PRO A 144 27.43 1.04 20.90
N GLU A 145 27.19 0.20 21.91
CA GLU A 145 26.91 -1.21 21.66
C GLU A 145 25.50 -1.43 21.09
N GLU A 146 24.65 -0.41 21.09
CA GLU A 146 23.33 -0.56 20.50
C GLU A 146 23.33 -0.34 19.00
N LEU A 147 24.46 0.10 18.43
CA LEU A 147 24.58 0.23 16.99
C LEU A 147 25.10 -1.08 16.43
N ILE A 148 24.35 -1.69 15.51
CA ILE A 148 24.62 -3.04 15.02
C ILE A 148 25.36 -2.92 13.70
N SER A 149 26.51 -3.59 13.60
CA SER A 149 27.29 -3.60 12.37
C SER A 149 26.80 -4.74 11.49
N TRP A 150 26.46 -4.43 10.25
CA TRP A 150 26.00 -5.44 9.30
C TRP A 150 26.04 -4.86 7.91
N LYS A 151 25.95 -5.75 6.93
CA LYS A 151 26.05 -5.35 5.53
C LYS A 151 24.81 -5.85 4.80
N SER A 152 24.09 -4.91 4.18
CA SER A 152 22.88 -5.26 3.44
C SER A 152 23.22 -6.11 2.23
N ALA A 153 22.42 -7.15 2.01
CA ALA A 153 22.59 -8.01 0.83
C ALA A 153 22.50 -7.24 -0.48
N THR A 154 21.82 -6.09 -0.48
CA THR A 154 21.68 -5.31 -1.71
C THR A 154 22.54 -4.08 -1.70
N PHE A 155 23.55 -4.03 -0.83
CA PHE A 155 24.42 -2.86 -0.76
C PHE A 155 24.94 -2.44 -2.14
N ASP A 156 25.43 -3.40 -2.92
CA ASP A 156 26.01 -3.06 -4.21
C ASP A 156 24.96 -2.70 -5.27
N TRP A 157 23.68 -2.94 -5.00
CA TRP A 157 22.64 -2.47 -5.87
C TRP A 157 22.07 -1.12 -5.45
N VAL A 158 22.29 -0.72 -4.20
CA VAL A 158 21.91 0.63 -3.76
C VAL A 158 23.03 1.62 -4.04
N TYR A 159 24.29 1.19 -3.93
CA TYR A 159 25.42 2.10 -4.03
C TYR A 159 26.35 1.70 -5.17
N GLU A 160 26.88 2.70 -5.86
CA GLU A 160 27.86 2.44 -6.91
C GLU A 160 29.29 2.49 -6.40
N LYS A 161 29.53 3.03 -5.21
CA LYS A 161 30.87 3.11 -4.64
C LYS A 161 30.75 3.33 -3.13
N ALA A 162 31.89 3.53 -2.48
CA ALA A 162 31.95 3.74 -1.03
C ALA A 162 31.32 2.59 -0.28
N SER B 9 -9.39 -13.92 28.74
CA SER B 9 -8.43 -13.25 27.87
C SER B 9 -8.39 -11.76 28.17
N MET B 10 -7.32 -11.33 28.81
N MET B 10 -7.32 -11.32 28.80
CA MET B 10 -7.15 -9.93 29.16
CA MET B 10 -7.18 -9.92 29.17
C MET B 10 -6.44 -9.19 28.04
C MET B 10 -6.42 -9.18 28.08
N SER B 11 -6.74 -7.89 27.92
CA SER B 11 -6.13 -7.09 26.88
C SER B 11 -4.67 -6.75 27.15
N ASN B 12 -4.11 -7.16 28.30
CA ASN B 12 -2.70 -6.89 28.57
C ASN B 12 -1.81 -8.11 28.34
N GLU B 13 -2.34 -9.14 27.67
CA GLU B 13 -1.51 -10.26 27.26
C GLU B 13 -0.37 -9.76 26.39
N GLN B 14 0.80 -10.38 26.53
CA GLN B 14 1.97 -9.97 25.76
C GLN B 14 2.58 -11.16 25.04
N THR B 15 3.15 -10.90 23.87
CA THR B 15 3.85 -11.93 23.13
C THR B 15 5.17 -11.36 22.62
N PHE B 16 6.11 -12.26 22.36
CA PHE B 16 7.40 -11.88 21.78
C PHE B 16 7.32 -12.14 20.28
N ILE B 17 7.57 -11.11 19.48
CA ILE B 17 7.64 -11.22 18.03
C ILE B 17 9.02 -10.75 17.63
N ALA B 18 9.72 -11.55 16.84
CA ALA B 18 11.02 -11.16 16.33
C ALA B 18 11.00 -11.19 14.81
N ILE B 19 11.62 -10.20 14.21
CA ILE B 19 11.90 -10.25 12.77
C ILE B 19 13.31 -10.80 12.63
N LYS B 20 13.41 -11.96 11.99
CA LYS B 20 14.63 -12.74 11.89
C LYS B 20 15.58 -12.04 10.93
N PRO B 21 16.84 -12.49 10.83
CA PRO B 21 17.79 -11.77 9.97
C PRO B 21 17.35 -11.67 8.52
N ASP B 22 16.66 -12.69 7.99
CA ASP B 22 16.17 -12.58 6.61
C ASP B 22 15.11 -11.51 6.47
N GLY B 23 14.25 -11.34 7.49
CA GLY B 23 13.26 -10.27 7.44
C GLY B 23 13.89 -8.89 7.45
N VAL B 24 14.94 -8.71 8.26
CA VAL B 24 15.68 -7.46 8.28
C VAL B 24 16.40 -7.24 6.95
N GLN B 25 17.11 -8.27 6.45
CA GLN B 25 17.88 -8.11 5.22
C GLN B 25 16.99 -7.79 4.04
N ARG B 26 15.80 -8.38 4.00
CA ARG B 26 14.90 -8.20 2.87
C ARG B 26 14.01 -6.97 3.02
N GLY B 27 14.23 -6.16 4.04
CA GLY B 27 13.53 -4.89 4.14
C GLY B 27 12.08 -4.99 4.55
N LEU B 28 11.75 -5.92 5.45
CA LEU B 28 10.38 -6.20 5.86
C LEU B 28 10.06 -5.69 7.25
N ILE B 29 10.95 -4.89 7.86
CA ILE B 29 10.70 -4.42 9.21
C ILE B 29 9.42 -3.58 9.25
N GLY B 30 9.35 -2.58 8.38
CA GLY B 30 8.19 -1.69 8.32
C GLY B 30 6.89 -2.43 8.12
N PRO B 31 6.80 -3.24 7.06
CA PRO B 31 5.54 -3.96 6.80
C PRO B 31 5.09 -4.86 7.95
N ILE B 32 6.03 -5.56 8.60
CA ILE B 32 5.66 -6.46 9.68
C ILE B 32 5.18 -5.69 10.89
N ILE B 33 5.85 -4.59 11.22
CA ILE B 33 5.35 -3.75 12.30
C ILE B 33 3.96 -3.23 11.98
N SER B 34 3.74 -2.79 10.74
CA SER B 34 2.43 -2.29 10.34
C SER B 34 1.32 -3.33 10.51
N ARG B 35 1.62 -4.61 10.31
CA ARG B 35 0.58 -5.63 10.44
C ARG B 35 0.05 -5.69 11.86
N PHE B 36 0.95 -5.64 12.83
CA PHE B 36 0.55 -5.64 14.23
C PHE B 36 -0.04 -4.29 14.64
N GLU B 37 0.55 -3.19 14.19
CA GLU B 37 -0.01 -1.87 14.47
C GLU B 37 -1.43 -1.76 13.96
N ASN B 38 -1.63 -2.15 12.70
CA ASN B 38 -2.94 -1.98 12.07
C ASN B 38 -4.02 -2.80 12.77
N ARG B 39 -3.65 -3.96 13.30
CA ARG B 39 -4.63 -4.85 13.93
C ARG B 39 -5.15 -4.28 15.24
N GLY B 40 -4.40 -3.37 15.86
CA GLY B 40 -4.77 -2.79 17.13
C GLY B 40 -3.86 -3.18 18.27
N PHE B 41 -2.83 -3.99 18.02
CA PHE B 41 -1.93 -4.40 19.09
C PHE B 41 -0.98 -3.26 19.44
N LYS B 42 -0.48 -3.29 20.68
CA LYS B 42 0.30 -2.20 21.23
C LYS B 42 1.75 -2.63 21.34
N LEU B 43 2.64 -1.88 20.69
CA LEU B 43 4.08 -2.12 20.83
C LEU B 43 4.53 -1.64 22.20
N VAL B 44 5.03 -2.55 23.04
CA VAL B 44 5.50 -2.15 24.36
C VAL B 44 7.01 -2.28 24.52
N ALA B 45 7.69 -2.99 23.63
CA ALA B 45 9.15 -3.03 23.67
C ALA B 45 9.64 -3.32 22.26
N MET B 46 10.77 -2.71 21.91
CA MET B 46 11.38 -3.00 20.62
C MET B 46 12.85 -2.62 20.67
N LYS B 47 13.68 -3.45 20.06
CA LYS B 47 15.09 -3.09 19.88
C LYS B 47 15.66 -3.90 18.73
N LEU B 48 16.54 -3.29 17.97
CA LEU B 48 17.37 -4.03 17.02
C LEU B 48 18.56 -4.60 17.78
N VAL B 49 18.78 -5.91 17.67
CA VAL B 49 19.82 -6.56 18.45
C VAL B 49 20.52 -7.62 17.61
N SER B 50 21.75 -7.94 18.02
CA SER B 50 22.51 -9.07 17.51
C SER B 50 22.87 -9.89 18.74
N PRO B 51 21.96 -10.71 19.23
CA PRO B 51 22.16 -11.36 20.53
C PRO B 51 23.31 -12.35 20.50
N PRO B 52 23.90 -12.64 21.64
CA PRO B 52 24.95 -13.65 21.69
C PRO B 52 24.41 -15.04 21.41
N GLN B 53 25.33 -15.90 20.93
CA GLN B 53 24.97 -17.29 20.61
C GLN B 53 24.30 -17.99 21.79
N SER B 54 24.72 -17.67 23.02
N SER B 54 24.72 -17.67 23.02
CA SER B 54 24.11 -18.33 24.18
CA SER B 54 24.12 -18.32 24.18
C SER B 54 22.62 -18.02 24.29
C SER B 54 22.62 -18.03 24.27
N GLN B 55 22.24 -16.77 24.04
CA GLN B 55 20.82 -16.40 24.11
C GLN B 55 20.01 -17.13 23.04
N LEU B 56 20.56 -17.25 21.83
CA LEU B 56 19.84 -17.97 20.78
C LEU B 56 19.72 -19.46 21.11
N GLU B 57 20.78 -20.04 21.66
CA GLU B 57 20.69 -21.45 22.07
C GLU B 57 19.69 -21.65 23.18
N GLN B 58 19.58 -20.71 24.12
CA GLN B 58 18.51 -20.78 25.12
C GLN B 58 17.15 -20.58 24.49
N HIS B 59 17.03 -19.65 23.53
CA HIS B 59 15.75 -19.42 22.89
C HIS B 59 15.24 -20.70 22.21
N TYR B 60 16.13 -21.44 21.56
CA TYR B 60 15.77 -22.67 20.84
C TYR B 60 16.22 -23.92 21.60
N ALA B 61 16.19 -23.86 22.93
CA ALA B 61 16.66 -24.99 23.72
C ALA B 61 15.82 -26.23 23.52
N ASP B 62 14.50 -26.07 23.30
CA ASP B 62 13.64 -27.24 23.11
C ASP B 62 14.00 -27.98 21.83
N LEU B 63 14.57 -27.29 20.85
CA LEU B 63 14.98 -27.89 19.60
C LEU B 63 16.46 -28.27 19.56
N SER B 64 17.13 -28.26 20.72
CA SER B 64 18.58 -28.49 20.76
C SER B 64 18.98 -29.89 20.32
N ASP B 65 18.04 -30.83 20.25
CA ASP B 65 18.30 -32.15 19.71
C ASP B 65 17.85 -32.31 18.26
N LYS B 66 17.01 -31.39 17.76
CA LYS B 66 16.56 -31.48 16.38
C LYS B 66 17.73 -31.33 15.43
N PRO B 67 17.62 -31.86 14.20
CA PRO B 67 18.75 -31.78 13.27
C PRO B 67 19.04 -30.37 12.79
N PHE B 68 18.00 -29.56 12.56
CA PHE B 68 18.19 -28.21 12.04
C PHE B 68 18.64 -27.20 13.11
N PHE B 69 19.06 -27.67 14.29
CA PHE B 69 19.30 -26.77 15.42
C PHE B 69 20.51 -25.87 15.16
N LYS B 70 21.69 -26.47 15.02
CA LYS B 70 22.91 -25.67 14.91
C LYS B 70 22.92 -24.81 13.66
N GLY B 71 22.28 -25.26 12.58
CA GLY B 71 22.15 -24.43 11.41
C GLY B 71 21.19 -23.28 11.65
N LEU B 72 20.15 -23.52 12.44
CA LEU B 72 19.24 -22.45 12.82
C LEU B 72 19.98 -21.41 13.66
N VAL B 73 20.77 -21.85 14.65
CA VAL B 73 21.50 -20.92 15.49
C VAL B 73 22.43 -20.06 14.65
N SER B 74 23.11 -20.66 13.67
CA SER B 74 24.05 -19.91 12.85
C SER B 74 23.34 -18.85 12.00
N TYR B 75 22.19 -19.20 11.42
CA TYR B 75 21.43 -18.25 10.62
C TYR B 75 20.85 -17.14 11.50
N MET B 76 20.37 -17.48 12.70
CA MET B 76 19.88 -16.46 13.61
C MET B 76 21.00 -15.54 14.08
N LEU B 77 22.26 -15.96 13.97
CA LEU B 77 23.40 -15.09 14.26
C LEU B 77 23.86 -14.27 13.05
N SER B 78 23.33 -14.54 11.85
CA SER B 78 23.92 -14.04 10.62
C SER B 78 23.54 -12.60 10.29
N GLY B 79 22.65 -11.99 11.05
CA GLY B 79 22.32 -10.59 10.84
C GLY B 79 21.51 -10.06 12.00
N PRO B 80 21.16 -8.78 11.96
CA PRO B 80 20.37 -8.21 13.05
C PRO B 80 19.00 -8.85 13.16
N ILE B 81 18.43 -8.73 14.35
CA ILE B 81 17.08 -9.19 14.66
C ILE B 81 16.31 -8.01 15.21
N CYS B 82 15.06 -7.82 14.76
CA CYS B 82 14.21 -6.78 15.33
C CYS B 82 13.33 -7.47 16.38
N ALA B 83 13.68 -7.30 17.65
CA ALA B 83 12.97 -7.97 18.73
C ALA B 83 11.87 -7.06 19.26
N MET B 84 10.69 -7.63 19.50
CA MET B 84 9.53 -6.83 19.89
C MET B 84 8.66 -7.55 20.91
N VAL B 85 7.99 -6.76 21.74
CA VAL B 85 6.92 -7.26 22.60
C VAL B 85 5.66 -6.52 22.21
N TRP B 86 4.63 -7.27 21.85
CA TRP B 86 3.34 -6.71 21.46
C TRP B 86 2.31 -7.10 22.50
N GLU B 87 1.36 -6.20 22.77
CA GLU B 87 0.39 -6.37 23.84
C GLU B 87 -1.04 -6.20 23.32
N GLY B 88 -1.93 -7.06 23.78
CA GLY B 88 -3.33 -6.96 23.44
C GLY B 88 -4.04 -8.28 23.67
N ARG B 89 -5.36 -8.24 23.50
CA ARG B 89 -6.15 -9.43 23.81
C ARG B 89 -5.84 -10.55 22.84
N ASP B 90 -5.56 -11.73 23.39
CA ASP B 90 -5.22 -12.93 22.64
CA ASP B 90 -5.22 -12.93 22.62
C ASP B 90 -4.09 -12.67 21.64
N VAL B 91 -3.14 -11.82 22.04
CA VAL B 91 -2.09 -11.43 21.10
C VAL B 91 -1.15 -12.60 20.78
N VAL B 92 -0.96 -13.54 21.71
CA VAL B 92 -0.11 -14.70 21.39
C VAL B 92 -0.70 -15.49 20.23
N LYS B 93 -1.96 -15.92 20.38
CA LYS B 93 -2.59 -16.77 19.38
C LYS B 93 -2.85 -16.00 18.09
N THR B 94 -3.45 -14.81 18.20
CA THR B 94 -3.72 -14.01 17.01
C THR B 94 -2.43 -13.56 16.33
N GLY B 95 -1.39 -13.27 17.11
CA GLY B 95 -0.10 -12.94 16.52
C GLY B 95 0.44 -14.06 15.65
N ARG B 96 0.32 -15.31 16.12
CA ARG B 96 0.75 -16.44 15.28
C ARG B 96 -0.09 -16.55 14.02
N THR B 97 -1.40 -16.28 14.13
CA THR B 97 -2.26 -16.30 12.96
C THR B 97 -1.82 -15.23 11.96
N ILE B 98 -1.43 -14.06 12.47
CA ILE B 98 -0.96 -12.99 11.60
C ILE B 98 0.36 -13.38 10.93
N LEU B 99 1.25 -14.04 11.68
CA LEU B 99 2.50 -14.48 11.07
C LEU B 99 2.24 -15.51 9.98
N GLY B 100 1.22 -16.34 10.16
CA GLY B 100 0.94 -17.44 9.26
C GLY B 100 1.66 -18.70 9.68
N ALA B 101 1.34 -19.78 8.97
CA ALA B 101 1.89 -21.09 9.29
C ALA B 101 3.41 -21.01 9.35
N THR B 102 3.98 -21.78 10.29
CA THR B 102 5.42 -21.79 10.50
C THR B 102 6.18 -22.07 9.21
N ASN B 103 5.71 -23.05 8.45
CA ASN B 103 6.24 -23.30 7.13
C ASN B 103 5.49 -22.41 6.16
N PRO B 104 6.14 -21.43 5.52
CA PRO B 104 5.39 -20.52 4.63
C PRO B 104 4.67 -21.23 3.51
N LEU B 105 5.17 -22.38 3.06
CA LEU B 105 4.46 -23.10 2.01
C LEU B 105 3.07 -23.55 2.46
N ALA B 106 2.84 -23.69 3.75
CA ALA B 106 1.52 -24.01 4.29
C ALA B 106 0.75 -22.78 4.75
N SER B 107 1.28 -21.59 4.51
CA SER B 107 0.65 -20.39 5.03
C SER B 107 -0.28 -19.77 4.00
N ALA B 108 -1.17 -18.92 4.48
CA ALA B 108 -2.20 -18.31 3.67
C ALA B 108 -1.75 -16.93 3.21
N PRO B 109 -1.94 -16.61 1.93
CA PRO B 109 -1.75 -15.22 1.50
C PRO B 109 -2.59 -14.28 2.37
N GLY B 110 -2.02 -13.13 2.71
CA GLY B 110 -2.61 -12.24 3.68
C GLY B 110 -1.96 -12.30 5.05
N THR B 111 -1.25 -13.38 5.35
CA THR B 111 -0.38 -13.41 6.50
C THR B 111 1.01 -12.94 6.10
N ILE B 112 1.84 -12.69 7.11
CA ILE B 112 3.21 -12.24 6.85
C ILE B 112 3.98 -13.27 6.02
N ARG B 113 3.96 -14.54 6.44
CA ARG B 113 4.72 -15.53 5.69
C ARG B 113 4.05 -15.85 4.36
N GLY B 114 2.72 -15.79 4.32
CA GLY B 114 2.00 -16.00 3.06
C GLY B 114 2.19 -14.87 2.07
N ASP B 115 2.61 -13.69 2.52
CA ASP B 115 2.92 -12.59 1.61
C ASP B 115 4.40 -12.46 1.29
N PHE B 116 5.29 -12.91 2.17
CA PHE B 116 6.71 -12.56 2.07
C PHE B 116 7.69 -13.72 2.10
N ALA B 117 7.27 -14.97 2.36
CA ALA B 117 8.26 -15.99 2.67
C ALA B 117 7.96 -17.30 1.94
N ILE B 118 9.02 -18.13 1.84
CA ILE B 118 8.93 -19.40 1.12
C ILE B 118 9.44 -20.56 1.96
N ASP B 119 10.68 -20.49 2.43
CA ASP B 119 11.30 -21.60 3.17
C ASP B 119 11.04 -21.48 4.66
N VAL B 120 10.77 -22.63 5.29
CA VAL B 120 10.58 -22.64 6.74
C VAL B 120 11.84 -22.15 7.46
N GLY B 121 13.02 -22.45 6.91
CA GLY B 121 14.27 -21.98 7.49
C GLY B 121 14.60 -20.54 7.20
N ARG B 122 13.73 -19.86 6.44
CA ARG B 122 13.85 -18.44 6.12
C ARG B 122 12.47 -17.81 6.23
N ASN B 123 11.81 -18.02 7.37
CA ASN B 123 10.40 -17.68 7.48
C ASN B 123 10.19 -16.33 8.16
N VAL B 124 11.21 -15.46 8.13
CA VAL B 124 11.12 -14.02 8.29
C VAL B 124 10.88 -13.55 9.72
N CYS B 125 10.15 -14.35 10.52
N CYS B 125 10.11 -14.33 10.50
CA CYS B 125 9.74 -13.87 11.83
CA CYS B 125 9.67 -13.88 11.81
C CYS B 125 9.53 -15.03 12.78
C CYS B 125 9.56 -15.05 12.79
N HIS B 126 9.47 -14.69 14.07
CA HIS B 126 9.13 -15.61 15.14
C HIS B 126 8.00 -15.00 15.97
N GLY B 127 7.11 -15.85 16.44
CA GLY B 127 6.18 -15.41 17.47
C GLY B 127 6.01 -16.46 18.54
N SER B 128 5.89 -16.05 19.81
CA SER B 128 5.71 -17.01 20.89
C SER B 128 4.52 -17.92 20.61
N ASP B 129 4.64 -19.19 20.98
CA ASP B 129 3.57 -20.13 20.68
C ASP B 129 2.58 -20.32 21.82
N SER B 130 2.81 -19.72 22.97
CA SER B 130 1.92 -19.87 24.11
C SER B 130 2.15 -18.71 25.06
N VAL B 131 1.18 -18.48 25.93
CA VAL B 131 1.33 -17.41 26.92
C VAL B 131 2.54 -17.66 27.81
N GLU B 132 2.72 -18.90 28.27
CA GLU B 132 3.84 -19.19 29.17
C GLU B 132 5.17 -19.08 28.44
N ASN B 133 5.25 -19.59 27.21
CA ASN B 133 6.47 -19.44 26.43
C ASN B 133 6.75 -17.98 26.09
N ALA B 134 5.70 -17.17 25.90
CA ALA B 134 5.91 -15.74 25.66
C ALA B 134 6.58 -15.09 26.86
N LYS B 135 6.10 -15.40 28.06
CA LYS B 135 6.70 -14.83 29.26
C LYS B 135 8.17 -15.21 29.36
N LYS B 136 8.50 -16.48 29.07
CA LYS B 136 9.89 -16.92 29.08
C LYS B 136 10.71 -16.19 28.02
N GLU B 137 10.17 -16.06 26.82
CA GLU B 137 10.94 -15.41 25.77
C GLU B 137 11.12 -13.92 26.04
N ILE B 138 10.09 -13.26 26.57
CA ILE B 138 10.23 -11.84 26.88
C ILE B 138 11.31 -11.62 27.93
N ALA B 139 11.33 -12.47 28.98
CA ALA B 139 12.38 -12.37 29.99
C ALA B 139 13.76 -12.66 29.41
N LEU B 140 13.85 -13.56 28.44
CA LEU B 140 15.16 -13.87 27.87
C LEU B 140 15.68 -12.74 26.99
N TRP B 141 14.81 -12.13 26.18
CA TRP B 141 15.26 -11.16 25.19
C TRP B 141 15.26 -9.72 25.69
N PHE B 142 14.54 -9.41 26.76
CA PHE B 142 14.39 -8.03 27.19
C PHE B 142 14.68 -7.90 28.69
N LYS B 143 15.27 -6.79 29.06
CA LYS B 143 15.27 -6.39 30.45
C LYS B 143 13.91 -5.77 30.77
N PRO B 144 13.41 -5.95 32.00
CA PRO B 144 12.05 -5.46 32.31
C PRO B 144 11.88 -3.96 32.08
N GLU B 145 12.93 -3.17 32.28
CA GLU B 145 12.81 -1.73 32.05
C GLU B 145 12.79 -1.38 30.55
N GLU B 146 13.01 -2.35 29.67
CA GLU B 146 12.82 -2.11 28.25
C GLU B 146 11.37 -2.24 27.81
N LEU B 147 10.49 -2.70 28.68
CA LEU B 147 9.06 -2.74 28.38
C LEU B 147 8.46 -1.42 28.83
N ILE B 148 7.78 -0.73 27.91
CA ILE B 148 7.33 0.63 28.11
C ILE B 148 5.85 0.63 28.47
N SER B 149 5.50 1.26 29.58
CA SER B 149 4.11 1.34 29.99
C SER B 149 3.48 2.58 29.36
N TRP B 150 2.41 2.38 28.59
CA TRP B 150 1.67 3.51 28.02
C TRP B 150 0.26 3.06 27.69
N LYS B 151 -0.56 4.04 27.34
CA LYS B 151 -1.97 3.79 27.07
C LYS B 151 -2.32 4.37 25.71
N SER B 152 -2.79 3.51 24.81
CA SER B 152 -3.14 3.96 23.46
C SER B 152 -4.35 4.88 23.49
N ALA B 153 -4.26 5.98 22.73
CA ALA B 153 -5.37 6.90 22.59
C ALA B 153 -6.62 6.25 22.02
N THR B 154 -6.47 5.16 21.26
CA THR B 154 -7.63 4.48 20.71
C THR B 154 -7.97 3.19 21.45
N PHE B 155 -7.48 3.03 22.70
CA PHE B 155 -7.76 1.81 23.44
C PHE B 155 -9.25 1.51 23.51
N ASP B 156 -10.06 2.53 23.81
CA ASP B 156 -11.49 2.28 23.98
C ASP B 156 -12.22 2.08 22.66
N TRP B 157 -11.55 2.30 21.52
CA TRP B 157 -12.11 1.98 20.22
C TRP B 157 -11.60 0.65 19.68
N VAL B 158 -10.52 0.11 20.23
CA VAL B 158 -10.10 -1.24 19.89
C VAL B 158 -10.79 -2.27 20.78
N TYR B 159 -11.02 -1.95 22.05
CA TYR B 159 -11.53 -2.93 23.00
C TYR B 159 -12.87 -2.50 23.57
N GLU B 160 -13.75 -3.47 23.82
CA GLU B 160 -15.02 -3.13 24.48
C GLU B 160 -14.81 -2.98 25.98
N LYS B 161 -13.94 -3.80 26.55
CA LYS B 161 -13.46 -3.62 27.93
C LYS B 161 -12.14 -4.37 28.07
N ALA B 162 -11.41 -4.05 29.13
CA ALA B 162 -10.10 -4.66 29.37
C ALA B 162 -10.24 -6.09 29.91
N HIS C 5 -20.15 -23.87 -1.63
CA HIS C 5 -21.44 -23.41 -1.12
C HIS C 5 -22.22 -22.64 -2.20
N HIS C 6 -23.33 -22.04 -1.81
CA HIS C 6 -24.16 -21.27 -2.73
C HIS C 6 -23.72 -19.82 -2.78
N HIS C 7 -23.68 -19.27 -3.99
CA HIS C 7 -23.40 -17.85 -4.20
C HIS C 7 -24.46 -17.26 -5.10
N GLY C 8 -24.67 -15.95 -4.95
CA GLY C 8 -25.63 -15.26 -5.79
C GLY C 8 -25.16 -15.19 -7.23
N SER C 9 -26.11 -15.08 -8.15
CA SER C 9 -25.80 -15.00 -9.56
C SER C 9 -26.25 -13.70 -10.21
N MET C 10 -26.97 -12.83 -9.48
CA MET C 10 -27.47 -11.58 -10.05
C MET C 10 -26.46 -10.46 -9.82
N SER C 11 -26.04 -9.78 -10.90
CA SER C 11 -25.04 -8.73 -10.77
C SER C 11 -25.59 -7.45 -10.17
N ASN C 12 -26.90 -7.32 -10.02
CA ASN C 12 -27.50 -6.13 -9.42
C ASN C 12 -27.89 -6.36 -7.96
N GLU C 13 -27.41 -7.44 -7.36
CA GLU C 13 -27.58 -7.63 -5.92
C GLU C 13 -26.92 -6.49 -5.16
N GLN C 14 -27.52 -6.10 -4.05
CA GLN C 14 -27.03 -5.00 -3.25
C GLN C 14 -26.94 -5.42 -1.80
N THR C 15 -25.96 -4.86 -1.10
CA THR C 15 -25.83 -5.12 0.32
C THR C 15 -25.56 -3.81 1.04
N PHE C 16 -25.88 -3.79 2.32
CA PHE C 16 -25.58 -2.65 3.17
C PHE C 16 -24.29 -2.92 3.94
N ILE C 17 -23.29 -2.05 3.79
CA ILE C 17 -22.04 -2.10 4.55
C ILE C 17 -21.95 -0.84 5.38
N ALA C 18 -21.70 -0.97 6.68
CA ALA C 18 -21.52 0.19 7.54
C ALA C 18 -20.12 0.14 8.16
N ILE C 19 -19.44 1.27 8.19
CA ILE C 19 -18.23 1.38 8.99
C ILE C 19 -18.68 1.96 10.33
N LYS C 20 -18.44 1.20 11.41
CA LYS C 20 -18.94 1.50 12.74
C LYS C 20 -18.13 2.64 13.36
N PRO C 21 -18.58 3.22 14.48
CA PRO C 21 -17.83 4.37 15.05
C PRO C 21 -16.36 4.06 15.29
N ASP C 22 -16.01 2.82 15.66
CA ASP C 22 -14.60 2.51 15.90
C ASP C 22 -13.80 2.51 14.61
N GLY C 23 -14.41 2.10 13.50
CA GLY C 23 -13.72 2.16 12.22
C GLY C 23 -13.51 3.60 11.75
N VAL C 24 -14.49 4.46 12.01
CA VAL C 24 -14.34 5.88 11.68
C VAL C 24 -13.29 6.52 12.59
N GLN C 25 -13.37 6.25 13.90
CA GLN C 25 -12.43 6.82 14.85
C GLN C 25 -11.00 6.40 14.55
N ARG C 26 -10.79 5.16 14.13
CA ARG C 26 -9.45 4.65 13.90
C ARG C 26 -8.94 4.89 12.49
N GLY C 27 -9.66 5.69 11.69
CA GLY C 27 -9.16 6.09 10.40
C GLY C 27 -9.19 5.01 9.34
N LEU C 28 -10.23 4.16 9.33
CA LEU C 28 -10.28 3.04 8.41
C LEU C 28 -11.29 3.22 7.29
N ILE C 29 -11.83 4.42 7.10
CA ILE C 29 -12.82 4.61 6.04
C ILE C 29 -12.21 4.33 4.67
N GLY C 30 -11.08 4.97 4.38
CA GLY C 30 -10.41 4.80 3.10
C GLY C 30 -10.04 3.36 2.79
N PRO C 31 -9.33 2.71 3.71
CA PRO C 31 -8.95 1.29 3.48
C PRO C 31 -10.14 0.38 3.25
N ILE C 32 -11.23 0.56 3.99
CA ILE C 32 -12.38 -0.31 3.86
C ILE C 32 -13.08 -0.08 2.52
N ILE C 33 -13.26 1.18 2.14
CA ILE C 33 -13.85 1.46 0.83
C ILE C 33 -12.99 0.85 -0.27
N SER C 34 -11.65 1.00 -0.16
CA SER C 34 -10.76 0.46 -1.18
C SER C 34 -10.91 -1.05 -1.33
N ARG C 35 -11.14 -1.76 -0.22
CA ARG C 35 -11.37 -3.21 -0.32
C ARG C 35 -12.53 -3.51 -1.25
N PHE C 36 -13.64 -2.81 -1.09
CA PHE C 36 -14.80 -3.11 -1.94
C PHE C 36 -14.58 -2.58 -3.36
N GLU C 37 -14.02 -1.38 -3.49
CA GLU C 37 -13.70 -0.85 -4.81
C GLU C 37 -12.79 -1.80 -5.59
N ASN C 38 -11.73 -2.26 -4.92
CA ASN C 38 -10.73 -3.09 -5.60
C ASN C 38 -11.33 -4.41 -6.07
N ARG C 39 -12.31 -4.93 -5.33
CA ARG C 39 -12.88 -6.23 -5.68
C ARG C 39 -13.72 -6.15 -6.95
N GLY C 40 -14.18 -4.96 -7.33
CA GLY C 40 -15.03 -4.78 -8.49
C GLY C 40 -16.46 -4.40 -8.15
N PHE C 41 -16.78 -4.22 -6.88
CA PHE C 41 -18.14 -3.86 -6.53
C PHE C 41 -18.38 -2.37 -6.78
N LYS C 42 -19.65 -2.03 -6.99
CA LYS C 42 -20.06 -0.67 -7.33
C LYS C 42 -20.68 0.01 -6.12
N LEU C 43 -20.13 1.16 -5.74
CA LEU C 43 -20.75 1.95 -4.68
C LEU C 43 -21.98 2.66 -5.24
N VAL C 44 -23.16 2.36 -4.68
CA VAL C 44 -24.38 3.00 -5.16
C VAL C 44 -25.00 3.94 -4.14
N ALA C 45 -24.50 3.98 -2.91
CA ALA C 45 -25.01 4.95 -1.95
C ALA C 45 -23.99 5.04 -0.82
N MET C 46 -23.84 6.25 -0.28
CA MET C 46 -22.92 6.40 0.85
C MET C 46 -23.25 7.68 1.58
N LYS C 47 -23.12 7.64 2.90
CA LYS C 47 -23.18 8.89 3.64
C LYS C 47 -22.58 8.71 5.01
N LEU C 48 -22.01 9.79 5.54
CA LEU C 48 -21.65 9.83 6.95
C LEU C 48 -22.86 10.27 7.76
N VAL C 49 -23.19 9.53 8.80
CA VAL C 49 -24.47 9.72 9.48
C VAL C 49 -24.32 9.31 10.94
N SER C 50 -25.07 9.99 11.81
CA SER C 50 -25.17 9.65 13.22
C SER C 50 -26.66 9.41 13.46
N PRO C 51 -27.14 8.21 13.17
CA PRO C 51 -28.59 7.99 13.12
C PRO C 51 -29.20 8.02 14.50
N PRO C 52 -30.50 8.24 14.60
CA PRO C 52 -31.14 8.25 15.92
C PRO C 52 -31.28 6.84 16.47
N GLN C 53 -31.46 6.77 17.78
CA GLN C 53 -31.58 5.48 18.46
C GLN C 53 -32.69 4.62 17.85
N SER C 54 -33.83 5.23 17.50
CA SER C 54 -34.93 4.43 16.95
C SER C 54 -34.50 3.69 15.70
N GLN C 55 -33.67 4.31 14.86
CA GLN C 55 -33.23 3.65 13.65
C GLN C 55 -32.26 2.50 13.97
N LEU C 56 -31.39 2.69 14.95
CA LEU C 56 -30.49 1.61 15.33
C LEU C 56 -31.25 0.45 15.96
N GLU C 57 -32.27 0.75 16.76
CA GLU C 57 -33.08 -0.33 17.32
C GLU C 57 -33.80 -1.10 16.22
N GLN C 58 -34.25 -0.42 15.17
CA GLN C 58 -34.83 -1.13 14.03
C GLN C 58 -33.75 -1.90 13.28
N HIS C 59 -32.57 -1.30 13.11
CA HIS C 59 -31.49 -2.01 12.45
C HIS C 59 -31.19 -3.34 13.12
N TYR C 60 -31.24 -3.36 14.46
CA TYR C 60 -30.94 -4.55 15.24
C TYR C 60 -32.19 -5.30 15.69
N ALA C 61 -33.33 -5.07 15.00
CA ALA C 61 -34.58 -5.71 15.40
C ALA C 61 -34.44 -7.22 15.54
N ASP C 62 -33.67 -7.85 14.65
CA ASP C 62 -33.48 -9.31 14.72
C ASP C 62 -32.74 -9.75 15.97
N LEU C 63 -32.04 -8.84 16.64
CA LEU C 63 -31.30 -9.13 17.86
C LEU C 63 -31.94 -8.53 19.10
N SER C 64 -33.20 -8.09 19.01
CA SER C 64 -33.86 -7.38 20.10
C SER C 64 -34.23 -8.30 21.25
N ASP C 65 -34.09 -9.62 21.07
CA ASP C 65 -34.29 -10.57 22.15
C ASP C 65 -32.97 -11.01 22.78
N LYS C 66 -31.86 -10.33 22.44
CA LYS C 66 -30.55 -10.74 22.94
C LYS C 66 -30.09 -9.82 24.06
N PRO C 67 -29.34 -10.36 25.02
CA PRO C 67 -28.93 -9.55 26.16
C PRO C 67 -28.02 -8.39 25.78
N PHE C 68 -27.31 -8.48 24.67
CA PHE C 68 -26.41 -7.42 24.25
C PHE C 68 -27.08 -6.38 23.37
N PHE C 69 -28.40 -6.47 23.16
CA PHE C 69 -29.12 -5.53 22.31
C PHE C 69 -28.88 -4.09 22.73
N LYS C 70 -29.19 -3.75 23.99
CA LYS C 70 -29.09 -2.35 24.43
C LYS C 70 -27.66 -1.83 24.30
N GLY C 71 -26.67 -2.64 24.68
CA GLY C 71 -25.30 -2.21 24.59
C GLY C 71 -24.84 -2.01 23.16
N LEU C 72 -25.31 -2.86 22.26
CA LEU C 72 -25.02 -2.73 20.84
C LEU C 72 -25.56 -1.43 20.28
N VAL C 73 -26.82 -1.11 20.60
CA VAL C 73 -27.41 0.15 20.18
C VAL C 73 -26.65 1.33 20.74
N SER C 74 -26.38 1.32 22.06
N SER C 74 -26.38 1.33 22.05
CA SER C 74 -25.68 2.46 22.68
CA SER C 74 -25.69 2.46 22.67
C SER C 74 -24.31 2.65 22.07
C SER C 74 -24.30 2.66 22.09
N TYR C 75 -23.63 1.56 21.73
CA TYR C 75 -22.31 1.69 21.13
C TYR C 75 -22.40 2.30 19.72
N MET C 76 -23.40 1.89 18.95
CA MET C 76 -23.54 2.43 17.60
C MET C 76 -23.92 3.89 17.60
N LEU C 77 -24.45 4.40 18.73
CA LEU C 77 -24.72 5.81 18.90
C LEU C 77 -23.48 6.63 19.24
N SER C 78 -22.34 5.99 19.50
CA SER C 78 -21.24 6.67 20.18
C SER C 78 -20.30 7.39 19.22
N GLY C 79 -20.58 7.37 17.93
CA GLY C 79 -19.80 8.13 16.98
C GLY C 79 -20.40 8.04 15.59
N PRO C 80 -19.78 8.69 14.63
CA PRO C 80 -20.32 8.68 13.27
C PRO C 80 -20.21 7.30 12.65
N ILE C 81 -21.08 7.04 11.68
CA ILE C 81 -21.09 5.80 10.92
C ILE C 81 -20.98 6.16 9.43
N CYS C 82 -20.12 5.45 8.70
CA CYS C 82 -20.08 5.59 7.24
C CYS C 82 -20.97 4.49 6.68
N ALA C 83 -22.18 4.89 6.25
CA ALA C 83 -23.17 3.96 5.73
C ALA C 83 -23.02 3.84 4.22
N MET C 84 -23.12 2.62 3.70
CA MET C 84 -22.84 2.40 2.28
C MET C 84 -23.74 1.31 1.74
N VAL C 85 -24.05 1.41 0.44
CA VAL C 85 -24.67 0.32 -0.31
C VAL C 85 -23.74 -0.03 -1.45
N TRP C 86 -23.39 -1.32 -1.56
CA TRP C 86 -22.55 -1.82 -2.63
C TRP C 86 -23.33 -2.80 -3.48
N GLU C 87 -23.05 -2.79 -4.79
CA GLU C 87 -23.81 -3.55 -5.75
C GLU C 87 -22.86 -4.43 -6.57
N GLY C 88 -23.25 -5.69 -6.75
CA GLY C 88 -22.50 -6.59 -7.60
C GLY C 88 -22.92 -8.01 -7.34
N ARG C 89 -22.36 -8.92 -8.15
CA ARG C 89 -22.73 -10.33 -8.04
C ARG C 89 -22.26 -10.90 -6.71
N ASP C 90 -23.20 -11.55 -6.02
CA ASP C 90 -22.93 -12.19 -4.72
C ASP C 90 -22.39 -11.20 -3.69
N VAL C 91 -22.78 -9.94 -3.81
CA VAL C 91 -22.16 -8.92 -2.95
C VAL C 91 -22.51 -9.12 -1.48
N VAL C 92 -23.69 -9.68 -1.16
CA VAL C 92 -24.03 -9.90 0.25
C VAL C 92 -23.06 -10.88 0.88
N LYS C 93 -22.95 -12.08 0.29
CA LYS C 93 -22.11 -13.11 0.88
C LYS C 93 -20.62 -12.79 0.70
N THR C 94 -20.23 -12.36 -0.50
CA THR C 94 -18.83 -12.01 -0.70
C THR C 94 -18.43 -10.78 0.11
N GLY C 95 -19.35 -9.83 0.27
CA GLY C 95 -19.06 -8.71 1.15
C GLY C 95 -18.73 -9.13 2.57
N ARG C 96 -19.52 -10.06 3.13
CA ARG C 96 -19.22 -10.58 4.47
C ARG C 96 -17.86 -11.28 4.50
N THR C 97 -17.55 -12.06 3.45
CA THR C 97 -16.25 -12.71 3.39
C THR C 97 -15.11 -11.68 3.39
N ILE C 98 -15.30 -10.56 2.68
CA ILE C 98 -14.30 -9.49 2.68
C ILE C 98 -14.16 -8.87 4.06
N LEU C 99 -15.30 -8.66 4.75
CA LEU C 99 -15.23 -8.15 6.12
C LEU C 99 -14.51 -9.13 7.03
N GLY C 100 -14.67 -10.43 6.78
CA GLY C 100 -14.14 -11.44 7.66
C GLY C 100 -15.13 -11.84 8.73
N ALA C 101 -14.76 -12.89 9.47
CA ALA C 101 -15.64 -13.43 10.50
C ALA C 101 -16.11 -12.31 11.42
N THR C 102 -17.38 -12.36 11.82
CA THR C 102 -17.94 -11.27 12.63
C THR C 102 -17.11 -11.02 13.88
N ASN C 103 -16.70 -12.10 14.55
CA ASN C 103 -15.80 -11.96 15.68
C ASN C 103 -14.36 -11.94 15.17
N PRO C 104 -13.62 -10.85 15.32
CA PRO C 104 -12.28 -10.78 14.73
C PRO C 104 -11.35 -11.87 15.22
N LEU C 105 -11.60 -12.46 16.38
CA LEU C 105 -10.77 -13.55 16.85
C LEU C 105 -10.78 -14.72 15.90
N ALA C 106 -11.91 -14.93 15.21
CA ALA C 106 -12.07 -16.03 14.28
C ALA C 106 -11.80 -15.62 12.84
N SER C 107 -11.37 -14.38 12.61
CA SER C 107 -11.23 -13.89 11.25
C SER C 107 -9.84 -14.17 10.71
N ALA C 108 -9.72 -14.08 9.39
CA ALA C 108 -8.46 -14.41 8.75
C ALA C 108 -7.73 -13.14 8.31
N PRO C 109 -6.42 -13.05 8.56
CA PRO C 109 -5.62 -12.00 7.94
C PRO C 109 -5.91 -11.91 6.45
N GLY C 110 -5.98 -10.69 5.94
CA GLY C 110 -6.41 -10.44 4.59
C GLY C 110 -7.84 -9.97 4.46
N THR C 111 -8.67 -10.24 5.47
CA THR C 111 -9.99 -9.61 5.57
C THR C 111 -9.88 -8.31 6.36
N ILE C 112 -10.98 -7.55 6.37
CA ILE C 112 -10.97 -6.27 7.07
C ILE C 112 -10.77 -6.49 8.56
N ARG C 113 -11.54 -7.39 9.15
CA ARG C 113 -11.41 -7.61 10.59
C ARG C 113 -10.12 -8.35 10.91
N GLY C 114 -9.68 -9.24 10.02
CA GLY C 114 -8.41 -9.92 10.19
C GLY C 114 -7.20 -9.02 10.07
N ASP C 115 -7.36 -7.86 9.43
CA ASP C 115 -6.28 -6.89 9.33
C ASP C 115 -6.37 -5.79 10.36
N PHE C 116 -7.56 -5.49 10.85
CA PHE C 116 -7.78 -4.24 11.59
C PHE C 116 -8.46 -4.37 12.94
N ALA C 117 -8.97 -5.53 13.33
CA ALA C 117 -9.85 -5.56 14.50
C ALA C 117 -9.51 -6.71 15.44
N ILE C 118 -9.93 -6.55 16.71
CA ILE C 118 -9.62 -7.53 17.75
C ILE C 118 -10.89 -7.99 18.47
N ASP C 119 -11.70 -7.05 18.99
CA ASP C 119 -12.87 -7.39 19.80
C ASP C 119 -14.14 -7.41 18.94
N VAL C 120 -15.02 -8.39 19.20
CA VAL C 120 -16.25 -8.47 18.43
C VAL C 120 -17.11 -7.24 18.67
N GLY C 121 -17.04 -6.64 19.87
CA GLY C 121 -17.78 -5.43 20.15
C GLY C 121 -17.18 -4.17 19.57
N ARG C 122 -16.04 -4.31 18.90
CA ARG C 122 -15.34 -3.24 18.21
C ARG C 122 -14.84 -3.82 16.88
N ASN C 123 -15.75 -4.39 16.09
CA ASN C 123 -15.33 -5.14 14.91
C ASN C 123 -15.42 -4.31 13.64
N VAL C 124 -15.42 -2.98 13.77
CA VAL C 124 -15.07 -2.00 12.74
C VAL C 124 -16.16 -1.80 11.69
N CYS C 125 -16.92 -2.86 11.38
N CYS C 125 -16.88 -2.87 11.34
CA CYS C 125 -17.83 -2.78 10.25
CA CYS C 125 -17.77 -2.85 10.19
C CYS C 125 -19.01 -3.72 10.44
C CYS C 125 -18.99 -3.74 10.44
N HIS C 126 -20.01 -3.57 9.58
CA HIS C 126 -21.16 -4.43 9.51
C HIS C 126 -21.48 -4.71 8.06
N GLY C 127 -21.89 -5.92 7.75
CA GLY C 127 -22.45 -6.23 6.46
C GLY C 127 -23.74 -7.01 6.64
N SER C 128 -24.73 -6.71 5.81
CA SER C 128 -25.98 -7.47 5.79
C SER C 128 -25.71 -8.97 5.70
N ASP C 129 -26.50 -9.76 6.41
CA ASP C 129 -26.25 -11.19 6.46
C ASP C 129 -27.08 -12.00 5.48
N SER C 130 -27.98 -11.36 4.73
CA SER C 130 -28.82 -12.05 3.76
C SER C 130 -29.31 -11.04 2.73
N VAL C 131 -29.75 -11.56 1.59
CA VAL C 131 -30.30 -10.68 0.55
C VAL C 131 -31.49 -9.90 1.10
N GLU C 132 -32.36 -10.57 1.87
CA GLU C 132 -33.55 -9.88 2.38
C GLU C 132 -33.19 -8.87 3.46
N ASN C 133 -32.29 -9.24 4.36
CA ASN C 133 -31.89 -8.26 5.37
C ASN C 133 -31.13 -7.09 4.75
N ALA C 134 -30.42 -7.31 3.65
CA ALA C 134 -29.82 -6.19 2.92
C ALA C 134 -30.89 -5.25 2.39
N LYS C 135 -31.93 -5.80 1.77
CA LYS C 135 -33.01 -4.93 1.30
C LYS C 135 -33.58 -4.11 2.45
N LYS C 136 -33.81 -4.73 3.59
CA LYS C 136 -34.38 -4.02 4.73
C LYS C 136 -33.43 -2.94 5.22
N GLU C 137 -32.15 -3.28 5.34
CA GLU C 137 -31.19 -2.32 5.88
C GLU C 137 -30.98 -1.16 4.92
N ILE C 138 -30.93 -1.45 3.62
CA ILE C 138 -30.75 -0.38 2.66
C ILE C 138 -31.88 0.65 2.78
N ALA C 139 -33.12 0.16 2.83
CA ALA C 139 -34.27 1.04 2.94
C ALA C 139 -34.36 1.73 4.30
N LEU C 140 -33.71 1.16 5.32
CA LEU C 140 -33.76 1.77 6.65
C LEU C 140 -32.76 2.92 6.76
N TRP C 141 -31.57 2.74 6.21
CA TRP C 141 -30.49 3.69 6.39
C TRP C 141 -30.49 4.79 5.34
N PHE C 142 -31.09 4.56 4.17
CA PHE C 142 -31.03 5.52 3.08
C PHE C 142 -32.43 5.93 2.67
N LYS C 143 -32.59 7.22 2.38
CA LYS C 143 -33.78 7.65 1.67
C LYS C 143 -33.72 7.13 0.24
N PRO C 144 -34.87 6.84 -0.36
CA PRO C 144 -34.84 6.17 -1.67
C PRO C 144 -34.08 6.96 -2.73
N GLU C 145 -34.08 8.30 -2.65
CA GLU C 145 -33.39 9.11 -3.66
C GLU C 145 -31.88 9.15 -3.45
N GLU C 146 -31.37 8.57 -2.37
CA GLU C 146 -29.94 8.51 -2.09
C GLU C 146 -29.26 7.29 -2.72
N LEU C 147 -30.02 6.40 -3.33
CA LEU C 147 -29.45 5.33 -4.14
C LEU C 147 -29.16 5.89 -5.52
N ILE C 148 -27.91 5.79 -5.98
CA ILE C 148 -27.45 6.47 -7.18
C ILE C 148 -27.36 5.48 -8.32
N SER C 149 -27.97 5.84 -9.45
CA SER C 149 -27.98 5.01 -10.65
C SER C 149 -26.80 5.39 -11.53
N TRP C 150 -25.86 4.46 -11.71
CA TRP C 150 -24.78 4.69 -12.66
C TRP C 150 -24.22 3.36 -13.14
N LYS C 151 -23.42 3.44 -14.21
CA LYS C 151 -22.85 2.28 -14.85
C LYS C 151 -21.33 2.38 -14.83
N SER C 152 -20.69 1.39 -14.21
CA SER C 152 -19.24 1.37 -14.14
C SER C 152 -18.63 1.16 -15.51
N ALA C 153 -17.61 1.97 -15.83
CA ALA C 153 -16.88 1.84 -17.09
C ALA C 153 -16.22 0.48 -17.27
N THR C 154 -15.89 -0.23 -16.18
CA THR C 154 -15.22 -1.51 -16.29
C THR C 154 -16.17 -2.69 -16.03
N PHE C 155 -17.50 -2.45 -16.10
CA PHE C 155 -18.46 -3.52 -15.84
C PHE C 155 -18.15 -4.76 -16.66
N ASP C 156 -17.91 -4.60 -17.96
CA ASP C 156 -17.71 -5.77 -18.82
C ASP C 156 -16.35 -6.42 -18.60
N TRP C 157 -15.47 -5.80 -17.84
CA TRP C 157 -14.22 -6.44 -17.46
C TRP C 157 -14.30 -7.09 -16.08
N VAL C 158 -15.25 -6.66 -15.26
CA VAL C 158 -15.48 -7.34 -13.99
C VAL C 158 -16.37 -8.56 -14.18
N TYR C 159 -17.34 -8.47 -15.10
CA TYR C 159 -18.37 -9.50 -15.23
C TYR C 159 -18.32 -10.14 -16.61
N GLU C 160 -18.51 -11.44 -16.65
CA GLU C 160 -18.54 -12.16 -17.91
C GLU C 160 -19.94 -12.24 -18.51
N LYS C 161 -20.96 -11.91 -17.73
CA LYS C 161 -22.35 -12.03 -18.13
C LYS C 161 -23.14 -10.99 -17.36
N ALA C 162 -24.41 -10.85 -17.72
CA ALA C 162 -25.29 -9.83 -17.12
C ALA C 162 -25.36 -9.90 -15.59
N HIS D 6 1.36 -31.89 -0.48
CA HIS D 6 2.70 -31.98 -1.09
C HIS D 6 3.13 -30.64 -1.68
N HIS D 7 4.39 -30.27 -1.46
CA HIS D 7 4.96 -29.07 -2.01
C HIS D 7 6.28 -29.40 -2.68
N GLY D 8 6.60 -28.67 -3.75
CA GLY D 8 7.87 -28.85 -4.41
C GLY D 8 9.03 -28.45 -3.52
N SER D 9 10.20 -29.03 -3.80
CA SER D 9 11.39 -28.76 -3.01
C SER D 9 12.54 -28.20 -3.86
N MET D 10 12.34 -28.00 -5.15
CA MET D 10 13.37 -27.51 -6.04
C MET D 10 13.24 -26.01 -6.23
N SER D 11 14.29 -25.27 -5.92
CA SER D 11 14.24 -23.82 -6.02
C SER D 11 14.25 -23.32 -7.46
N ASN D 12 14.58 -24.16 -8.44
CA ASN D 12 14.54 -23.71 -9.84
C ASN D 12 13.26 -24.14 -10.56
N GLU D 13 12.23 -24.56 -9.82
CA GLU D 13 10.93 -24.79 -10.43
C GLU D 13 10.43 -23.50 -11.05
N GLN D 14 9.71 -23.61 -12.17
CA GLN D 14 9.18 -22.46 -12.89
C GLN D 14 7.70 -22.65 -13.13
N THR D 15 6.96 -21.55 -13.15
CA THR D 15 5.56 -21.61 -13.53
C THR D 15 5.23 -20.46 -14.46
N PHE D 16 4.16 -20.62 -15.22
CA PHE D 16 3.66 -19.59 -16.12
C PHE D 16 2.52 -18.86 -15.45
N ILE D 17 2.65 -17.55 -15.27
CA ILE D 17 1.57 -16.71 -14.75
C ILE D 17 1.20 -15.72 -15.84
N ALA D 18 -0.10 -15.63 -16.15
CA ALA D 18 -0.60 -14.67 -17.12
C ALA D 18 -1.58 -13.74 -16.44
N ILE D 19 -1.44 -12.45 -16.68
CA ILE D 19 -2.48 -11.50 -16.35
C ILE D 19 -3.39 -11.39 -17.56
N LYS D 20 -4.65 -11.73 -17.38
CA LYS D 20 -5.61 -11.82 -18.47
C LYS D 20 -6.04 -10.42 -18.90
N PRO D 21 -6.75 -10.29 -20.03
CA PRO D 21 -7.11 -8.95 -20.52
C PRO D 21 -7.85 -8.10 -19.50
N ASP D 22 -8.67 -8.72 -18.64
CA ASP D 22 -9.38 -7.95 -17.62
C ASP D 22 -8.42 -7.44 -16.55
N GLY D 23 -7.41 -8.24 -16.19
CA GLY D 23 -6.40 -7.76 -15.26
C GLY D 23 -5.65 -6.57 -15.82
N VAL D 24 -5.30 -6.64 -17.11
CA VAL D 24 -4.60 -5.52 -17.74
C VAL D 24 -5.52 -4.30 -17.83
N GLN D 25 -6.77 -4.51 -18.25
CA GLN D 25 -7.72 -3.42 -18.42
C GLN D 25 -7.98 -2.70 -17.11
N ARG D 26 -8.09 -3.47 -16.03
CA ARG D 26 -8.43 -2.89 -14.76
C ARG D 26 -7.22 -2.40 -13.97
N GLY D 27 -6.04 -2.38 -14.59
CA GLY D 27 -4.89 -1.75 -13.98
C GLY D 27 -4.26 -2.57 -12.87
N LEU D 28 -4.22 -3.89 -13.02
CA LEU D 28 -3.72 -4.77 -11.96
C LEU D 28 -2.34 -5.36 -12.25
N ILE D 29 -1.62 -4.87 -13.27
CA ILE D 29 -0.33 -5.47 -13.59
C ILE D 29 0.65 -5.29 -12.43
N GLY D 30 0.79 -4.06 -11.96
CA GLY D 30 1.71 -3.76 -10.88
C GLY D 30 1.44 -4.53 -9.59
N PRO D 31 0.19 -4.49 -9.11
CA PRO D 31 -0.14 -5.24 -7.87
C PRO D 31 0.10 -6.72 -7.99
N ILE D 32 -0.24 -7.32 -9.14
CA ILE D 32 -0.05 -8.75 -9.32
C ILE D 32 1.44 -9.08 -9.32
N ILE D 33 2.23 -8.35 -10.10
CA ILE D 33 3.67 -8.57 -10.08
C ILE D 33 4.22 -8.45 -8.67
N SER D 34 3.75 -7.43 -7.92
CA SER D 34 4.25 -7.22 -6.57
C SER D 34 3.97 -8.41 -5.66
N ARG D 35 2.83 -9.09 -5.84
CA ARG D 35 2.54 -10.26 -4.99
C ARG D 35 3.62 -11.32 -5.14
N PHE D 36 4.04 -11.58 -6.37
CA PHE D 36 5.05 -12.61 -6.59
C PHE D 36 6.43 -12.11 -6.23
N GLU D 37 6.73 -10.85 -6.55
CA GLU D 37 7.99 -10.24 -6.17
C GLU D 37 8.17 -10.24 -4.64
N ASN D 38 7.13 -9.82 -3.92
CA ASN D 38 7.26 -9.73 -2.47
C ASN D 38 7.40 -11.09 -1.81
N ARG D 39 6.83 -12.13 -2.42
CA ARG D 39 6.91 -13.46 -1.85
C ARG D 39 8.32 -14.02 -1.90
N GLY D 40 9.16 -13.52 -2.79
CA GLY D 40 10.51 -14.03 -2.96
C GLY D 40 10.73 -14.77 -4.26
N PHE D 41 9.72 -14.86 -5.11
CA PHE D 41 9.87 -15.53 -6.39
C PHE D 41 10.63 -14.63 -7.37
N LYS D 42 11.28 -15.27 -8.33
CA LYS D 42 12.15 -14.57 -9.26
C LYS D 42 11.49 -14.52 -10.63
N LEU D 43 11.37 -13.32 -11.19
CA LEU D 43 10.83 -13.15 -12.52
C LEU D 43 11.91 -13.52 -13.52
N VAL D 44 11.69 -14.55 -14.33
CA VAL D 44 12.68 -14.95 -15.32
C VAL D 44 12.22 -14.68 -16.75
N ALA D 45 10.96 -14.33 -16.98
CA ALA D 45 10.54 -13.91 -18.31
C ALA D 45 9.28 -13.09 -18.19
N MET D 46 9.12 -12.11 -19.07
CA MET D 46 7.89 -11.33 -19.08
C MET D 46 7.73 -10.62 -20.41
N LYS D 47 6.51 -10.57 -20.93
CA LYS D 47 6.23 -9.69 -22.05
C LYS D 47 4.74 -9.38 -22.11
N LEU D 48 4.41 -8.18 -22.59
CA LEU D 48 3.04 -7.86 -22.95
C LEU D 48 2.81 -8.38 -24.36
N VAL D 49 1.74 -9.17 -24.54
N VAL D 49 1.75 -9.16 -24.54
CA VAL D 49 1.47 -9.81 -25.81
CA VAL D 49 1.54 -9.83 -25.81
C VAL D 49 -0.02 -9.77 -26.13
C VAL D 49 0.04 -9.90 -26.10
N SER D 50 -0.31 -9.90 -27.42
N SER D 50 -0.29 -9.84 -27.39
CA SER D 50 -1.65 -10.17 -27.92
CA SER D 50 -1.62 -10.16 -27.90
C SER D 50 -1.51 -11.39 -28.81
C SER D 50 -1.45 -11.39 -28.78
N PRO D 51 -1.50 -12.59 -28.22
CA PRO D 51 -1.13 -13.78 -28.98
C PRO D 51 -2.15 -14.11 -30.04
N PRO D 52 -1.74 -14.79 -31.11
CA PRO D 52 -2.69 -15.22 -32.13
C PRO D 52 -3.66 -16.25 -31.59
N GLN D 53 -4.82 -16.31 -32.25
CA GLN D 53 -5.87 -17.24 -31.84
C GLN D 53 -5.37 -18.68 -31.78
N SER D 54 -4.47 -19.07 -32.71
CA SER D 54 -3.98 -20.43 -32.70
C SER D 54 -3.26 -20.76 -31.40
N GLN D 55 -2.53 -19.79 -30.84
CA GLN D 55 -1.78 -20.04 -29.60
C GLN D 55 -2.73 -20.18 -28.41
N LEU D 56 -3.77 -19.35 -28.36
CA LEU D 56 -4.74 -19.48 -27.28
C LEU D 56 -5.50 -20.79 -27.40
N GLU D 57 -5.82 -21.21 -28.63
CA GLU D 57 -6.47 -22.50 -28.81
C GLU D 57 -5.57 -23.63 -28.35
N GLN D 58 -4.26 -23.50 -28.55
N GLN D 58 -4.25 -23.49 -28.55
CA GLN D 58 -3.34 -24.52 -28.04
CA GLN D 58 -3.34 -24.52 -28.04
C GLN D 58 -3.26 -24.46 -26.52
C GLN D 58 -3.25 -24.45 -26.52
N HIS D 59 -3.18 -23.25 -25.95
CA HIS D 59 -3.15 -23.10 -24.50
C HIS D 59 -4.35 -23.77 -23.85
N TYR D 60 -5.53 -23.61 -24.43
CA TYR D 60 -6.75 -24.22 -23.92
C TYR D 60 -7.06 -25.54 -24.61
N ALA D 61 -6.05 -26.27 -25.07
CA ALA D 61 -6.29 -27.47 -25.88
C ALA D 61 -7.19 -28.47 -25.15
N ASP D 62 -7.01 -28.61 -23.84
CA ASP D 62 -7.79 -29.57 -23.07
C ASP D 62 -9.27 -29.24 -23.03
N LEU D 63 -9.67 -28.05 -23.48
CA LEU D 63 -11.07 -27.64 -23.48
C LEU D 63 -11.64 -27.47 -24.89
N SER D 64 -10.94 -27.97 -25.92
CA SER D 64 -11.40 -27.75 -27.29
C SER D 64 -12.76 -28.39 -27.54
N ASP D 65 -13.14 -29.43 -26.78
CA ASP D 65 -14.44 -30.06 -26.95
C ASP D 65 -15.56 -29.31 -26.26
N LYS D 66 -15.25 -28.44 -25.29
CA LYS D 66 -16.28 -27.81 -24.49
C LYS D 66 -17.05 -26.78 -25.31
N PRO D 67 -18.33 -26.54 -24.98
CA PRO D 67 -19.13 -25.60 -25.79
C PRO D 67 -18.73 -24.14 -25.63
N PHE D 68 -18.05 -23.77 -24.54
CA PHE D 68 -17.63 -22.39 -24.32
C PHE D 68 -16.26 -22.08 -24.94
N PHE D 69 -15.64 -23.06 -25.59
CA PHE D 69 -14.26 -22.92 -26.06
C PHE D 69 -14.11 -21.70 -26.96
N LYS D 70 -14.96 -21.58 -28.00
CA LYS D 70 -14.84 -20.46 -28.93
C LYS D 70 -14.98 -19.13 -28.21
N GLY D 71 -15.90 -19.04 -27.25
CA GLY D 71 -16.09 -17.79 -26.54
C GLY D 71 -14.95 -17.49 -25.59
N LEU D 72 -14.39 -18.53 -24.95
CA LEU D 72 -13.23 -18.36 -24.09
C LEU D 72 -12.05 -17.83 -24.87
N VAL D 73 -11.81 -18.41 -26.05
CA VAL D 73 -10.75 -17.92 -26.93
C VAL D 73 -11.03 -16.50 -27.38
N SER D 74 -12.27 -16.20 -27.78
CA SER D 74 -12.59 -14.85 -28.24
C SER D 74 -12.33 -13.82 -27.14
N TYR D 75 -12.64 -14.18 -25.90
CA TYR D 75 -12.43 -13.24 -24.81
C TYR D 75 -10.94 -13.05 -24.52
N MET D 76 -10.17 -14.14 -24.47
CA MET D 76 -8.72 -14.01 -24.24
C MET D 76 -8.03 -13.24 -25.37
N LEU D 77 -8.67 -13.09 -26.53
CA LEU D 77 -8.18 -12.27 -27.62
C LEU D 77 -8.54 -10.79 -27.47
N SER D 78 -9.40 -10.42 -26.52
CA SER D 78 -10.03 -9.11 -26.51
C SER D 78 -9.18 -8.02 -25.91
N GLY D 79 -8.00 -8.35 -25.41
CA GLY D 79 -7.13 -7.36 -24.82
C GLY D 79 -5.73 -7.94 -24.65
N PRO D 80 -4.76 -7.09 -24.32
CA PRO D 80 -3.40 -7.60 -24.11
C PRO D 80 -3.32 -8.47 -22.87
N ILE D 81 -2.29 -9.30 -22.86
CA ILE D 81 -2.00 -10.24 -21.79
C ILE D 81 -0.59 -9.96 -21.30
N CYS D 82 -0.41 -9.91 -19.97
CA CYS D 82 0.93 -9.83 -19.41
C CYS D 82 1.39 -11.24 -19.07
N ALA D 83 2.27 -11.79 -19.89
CA ALA D 83 2.73 -13.16 -19.76
C ALA D 83 4.01 -13.15 -18.96
N MET D 84 4.14 -14.09 -18.00
CA MET D 84 5.31 -14.11 -17.12
C MET D 84 5.74 -15.54 -16.81
N VAL D 85 7.01 -15.69 -16.51
CA VAL D 85 7.53 -16.93 -15.93
C VAL D 85 8.19 -16.57 -14.61
N TRP D 86 7.74 -17.23 -13.53
CA TRP D 86 8.29 -17.01 -12.21
C TRP D 86 9.00 -18.27 -11.74
N GLU D 87 10.11 -18.10 -11.04
CA GLU D 87 10.93 -19.22 -10.62
C GLU D 87 11.09 -19.22 -9.10
N GLY D 88 10.94 -20.39 -8.50
CA GLY D 88 11.22 -20.52 -7.09
C GLY D 88 10.72 -21.85 -6.57
N ARG D 89 11.02 -22.11 -5.31
CA ARG D 89 10.59 -23.35 -4.70
C ARG D 89 9.06 -23.42 -4.63
N ASP D 90 8.49 -24.52 -5.13
CA ASP D 90 7.06 -24.76 -5.11
C ASP D 90 6.29 -23.64 -5.80
N VAL D 91 6.90 -22.99 -6.80
CA VAL D 91 6.25 -21.80 -7.35
C VAL D 91 4.95 -22.16 -8.09
N VAL D 92 4.83 -23.37 -8.65
CA VAL D 92 3.57 -23.73 -9.31
C VAL D 92 2.42 -23.74 -8.31
N LYS D 93 2.55 -24.53 -7.25
CA LYS D 93 1.44 -24.69 -6.31
C LYS D 93 1.24 -23.43 -5.47
N THR D 94 2.33 -22.89 -4.92
CA THR D 94 2.24 -21.64 -4.17
C THR D 94 1.75 -20.50 -5.07
N GLY D 95 2.17 -20.48 -6.33
CA GLY D 95 1.65 -19.48 -7.24
C GLY D 95 0.13 -19.54 -7.37
N ARG D 96 -0.42 -20.74 -7.52
CA ARG D 96 -1.88 -20.87 -7.57
C ARG D 96 -2.52 -20.42 -6.26
N THR D 97 -1.88 -20.73 -5.13
CA THR D 97 -2.42 -20.28 -3.86
C THR D 97 -2.42 -18.77 -3.77
N ILE D 98 -1.38 -18.13 -4.30
CA ILE D 98 -1.31 -16.67 -4.34
C ILE D 98 -2.44 -16.12 -5.21
N LEU D 99 -2.71 -16.76 -6.35
CA LEU D 99 -3.77 -16.28 -7.22
C LEU D 99 -5.14 -16.41 -6.55
N GLY D 100 -5.32 -17.43 -5.73
CA GLY D 100 -6.62 -17.72 -5.16
C GLY D 100 -7.37 -18.77 -5.97
N ALA D 101 -8.46 -19.24 -5.39
CA ALA D 101 -9.32 -20.22 -6.08
C ALA D 101 -9.68 -19.71 -7.47
N THR D 102 -9.76 -20.66 -8.42
CA THR D 102 -10.02 -20.28 -9.82
C THR D 102 -11.31 -19.48 -9.94
N ASN D 103 -12.35 -19.87 -9.20
CA ASN D 103 -13.58 -19.10 -9.10
C ASN D 103 -13.40 -18.07 -7.98
N PRO D 104 -13.34 -16.78 -8.29
CA PRO D 104 -13.10 -15.80 -7.22
C PRO D 104 -14.11 -15.85 -6.11
N LEU D 105 -15.34 -16.29 -6.40
CA LEU D 105 -16.37 -16.42 -5.38
C LEU D 105 -15.94 -17.41 -4.30
N ALA D 106 -15.08 -18.36 -4.63
CA ALA D 106 -14.58 -19.33 -3.67
C ALA D 106 -13.20 -18.97 -3.13
N SER D 107 -12.66 -17.81 -3.51
CA SER D 107 -11.31 -17.47 -3.11
C SER D 107 -11.32 -16.69 -1.80
N ALA D 108 -10.14 -16.58 -1.19
CA ALA D 108 -9.98 -15.94 0.11
C ALA D 108 -9.41 -14.54 -0.07
N PRO D 109 -9.96 -13.53 0.64
CA PRO D 109 -9.29 -12.23 0.67
C PRO D 109 -7.85 -12.40 1.11
N GLY D 110 -6.98 -11.59 0.53
CA GLY D 110 -5.56 -11.79 0.67
C GLY D 110 -4.91 -12.43 -0.55
N THR D 111 -5.68 -13.16 -1.35
CA THR D 111 -5.21 -13.65 -2.64
C THR D 111 -5.54 -12.63 -3.72
N ILE D 112 -4.99 -12.88 -4.92
CA ILE D 112 -5.21 -11.94 -6.02
C ILE D 112 -6.70 -11.90 -6.38
N ARG D 113 -7.31 -13.08 -6.55
CA ARG D 113 -8.73 -13.07 -6.90
C ARG D 113 -9.60 -12.70 -5.72
N GLY D 114 -9.20 -13.05 -4.50
CA GLY D 114 -9.96 -12.64 -3.34
C GLY D 114 -9.88 -11.15 -3.07
N ASP D 115 -8.88 -10.48 -3.63
CA ASP D 115 -8.79 -9.02 -3.50
C ASP D 115 -9.38 -8.28 -4.68
N PHE D 116 -9.40 -8.88 -5.88
CA PHE D 116 -9.66 -8.12 -7.09
C PHE D 116 -10.75 -8.64 -8.02
N ALA D 117 -11.31 -9.82 -7.79
CA ALA D 117 -12.11 -10.42 -8.85
C ALA D 117 -13.40 -11.01 -8.31
N ILE D 118 -14.37 -11.18 -9.22
CA ILE D 118 -15.69 -11.68 -8.83
C ILE D 118 -16.09 -12.89 -9.68
N ASP D 119 -16.10 -12.74 -11.01
CA ASP D 119 -16.59 -13.76 -11.92
C ASP D 119 -15.45 -14.70 -12.34
N VAL D 120 -15.75 -16.00 -12.40
CA VAL D 120 -14.73 -16.97 -12.82
C VAL D 120 -14.27 -16.69 -14.25
N GLY D 121 -15.18 -16.21 -15.11
CA GLY D 121 -14.82 -15.83 -16.47
C GLY D 121 -14.11 -14.50 -16.59
N ARG D 122 -13.93 -13.80 -15.48
CA ARG D 122 -13.14 -12.57 -15.40
C ARG D 122 -12.25 -12.65 -14.16
N ASN D 123 -11.43 -13.71 -14.08
CA ASN D 123 -10.69 -14.00 -12.86
C ASN D 123 -9.26 -13.50 -12.91
N VAL D 124 -9.00 -12.54 -13.80
N VAL D 124 -8.99 -12.52 -13.78
CA VAL D 124 -7.88 -11.60 -13.92
CA VAL D 124 -7.82 -11.66 -13.74
C VAL D 124 -6.52 -12.25 -14.18
C VAL D 124 -6.55 -12.38 -14.18
N CYS D 125 -6.37 -13.54 -13.93
N CYS D 125 -6.29 -13.56 -13.62
CA CYS D 125 -5.05 -14.13 -14.08
CA CYS D 125 -5.00 -14.21 -13.81
C CYS D 125 -5.16 -15.64 -14.28
C CYS D 125 -5.16 -15.67 -14.21
N HIS D 126 -4.05 -16.22 -14.72
CA HIS D 126 -3.91 -17.65 -14.91
C HIS D 126 -2.58 -18.09 -14.30
N GLY D 127 -2.58 -19.27 -13.69
CA GLY D 127 -1.33 -19.90 -13.28
C GLY D 127 -1.35 -21.36 -13.68
N SER D 128 -0.18 -21.87 -14.08
CA SER D 128 -0.05 -23.27 -14.43
C SER D 128 -0.55 -24.14 -13.28
N ASP D 129 -1.21 -25.26 -13.61
CA ASP D 129 -1.79 -26.08 -12.56
C ASP D 129 -0.92 -27.28 -12.18
N SER D 130 0.20 -27.49 -12.86
CA SER D 130 1.10 -28.59 -12.51
C SER D 130 2.49 -28.26 -13.04
N VAL D 131 3.50 -28.93 -12.49
CA VAL D 131 4.87 -28.72 -12.97
C VAL D 131 4.94 -29.00 -14.46
N GLU D 132 4.32 -30.09 -14.90
CA GLU D 132 4.41 -30.43 -16.33
C GLU D 132 3.66 -29.42 -17.18
N ASN D 133 2.47 -29.00 -16.77
CA ASN D 133 1.75 -28.04 -17.58
C ASN D 133 2.44 -26.69 -17.59
N ALA D 134 3.16 -26.34 -16.51
CA ALA D 134 3.97 -25.13 -16.53
C ALA D 134 5.06 -25.22 -17.61
N LYS D 135 5.77 -26.34 -17.65
CA LYS D 135 6.79 -26.50 -18.69
C LYS D 135 6.20 -26.34 -20.08
N LYS D 136 5.04 -26.95 -20.32
CA LYS D 136 4.38 -26.80 -21.62
C LYS D 136 3.95 -25.37 -21.87
N GLU D 137 3.35 -24.72 -20.87
CA GLU D 137 2.88 -23.35 -21.09
C GLU D 137 4.04 -22.39 -21.30
N ILE D 138 5.12 -22.57 -20.55
CA ILE D 138 6.29 -21.70 -20.70
C ILE D 138 6.81 -21.77 -22.13
N ALA D 139 6.97 -22.99 -22.65
CA ALA D 139 7.46 -23.19 -24.01
C ALA D 139 6.48 -22.66 -25.06
N LEU D 140 5.18 -22.70 -24.76
CA LEU D 140 4.17 -22.22 -25.69
C LEU D 140 4.17 -20.69 -25.78
N TRP D 141 4.34 -20.01 -24.65
CA TRP D 141 4.14 -18.56 -24.63
C TRP D 141 5.41 -17.77 -24.87
N PHE D 142 6.58 -18.38 -24.69
CA PHE D 142 7.85 -17.67 -24.73
C PHE D 142 8.79 -18.36 -25.70
N LYS D 143 9.56 -17.56 -26.45
CA LYS D 143 10.70 -18.11 -27.16
C LYS D 143 11.77 -18.49 -26.13
N PRO D 144 12.56 -19.54 -26.40
CA PRO D 144 13.52 -20.00 -25.38
C PRO D 144 14.48 -18.92 -24.94
N GLU D 145 14.88 -18.03 -25.84
CA GLU D 145 15.83 -17.00 -25.49
C GLU D 145 15.20 -15.87 -24.68
N GLU D 146 13.88 -15.89 -24.48
CA GLU D 146 13.24 -14.87 -23.67
C GLU D 146 13.24 -15.21 -22.20
N LEU D 147 13.68 -16.39 -21.83
N LEU D 147 13.68 -16.39 -21.82
CA LEU D 147 13.91 -16.71 -20.43
CA LEU D 147 13.88 -16.69 -20.41
C LEU D 147 15.27 -16.16 -20.02
C LEU D 147 15.27 -16.18 -20.00
N ILE D 148 15.31 -15.39 -18.94
CA ILE D 148 16.48 -14.61 -18.57
C ILE D 148 17.18 -15.28 -17.41
N SER D 149 18.50 -15.46 -17.54
CA SER D 149 19.32 -16.09 -16.51
C SER D 149 19.90 -15.01 -15.60
N TRP D 150 19.53 -15.01 -14.34
CA TRP D 150 20.13 -14.08 -13.39
C TRP D 150 19.99 -14.62 -12.00
N LYS D 151 20.76 -14.05 -11.08
CA LYS D 151 20.83 -14.53 -9.71
C LYS D 151 20.42 -13.40 -8.79
N SER D 152 19.36 -13.63 -8.01
CA SER D 152 18.85 -12.60 -7.12
C SER D 152 19.82 -12.34 -5.98
N ALA D 153 20.08 -11.06 -5.71
CA ALA D 153 20.94 -10.65 -4.60
C ALA D 153 20.49 -11.22 -3.27
N THR D 154 19.21 -11.50 -3.09
CA THR D 154 18.68 -11.97 -1.81
C THR D 154 18.33 -13.45 -1.82
N PHE D 155 18.83 -14.21 -2.80
CA PHE D 155 18.55 -15.64 -2.87
C PHE D 155 18.83 -16.33 -1.54
N ASP D 156 20.02 -16.11 -0.98
CA ASP D 156 20.39 -16.77 0.27
C ASP D 156 19.60 -16.29 1.48
N TRP D 157 18.86 -15.19 1.35
CA TRP D 157 17.96 -14.77 2.42
C TRP D 157 16.53 -15.27 2.22
N VAL D 158 16.14 -15.57 0.98
CA VAL D 158 14.85 -16.21 0.71
C VAL D 158 14.93 -17.71 0.97
N TYR D 159 16.05 -18.34 0.65
CA TYR D 159 16.15 -19.80 0.69
C TYR D 159 17.20 -20.26 1.69
N GLU D 160 16.86 -21.31 2.42
N GLU D 160 16.84 -21.30 2.44
CA GLU D 160 17.81 -21.86 3.38
CA GLU D 160 17.76 -21.90 3.40
C GLU D 160 18.75 -22.87 2.75
C GLU D 160 18.78 -22.78 2.69
N LYS D 161 18.34 -23.48 1.63
CA LYS D 161 19.13 -24.44 0.90
C LYS D 161 18.95 -24.16 -0.59
N ALA D 162 19.80 -24.76 -1.41
CA ALA D 162 19.85 -24.41 -2.84
C ALA D 162 18.52 -24.63 -3.55
N GLY E 8 2.75 17.50 -24.27
CA GLY E 8 1.38 17.65 -23.79
C GLY E 8 0.31 17.84 -24.87
N SER E 9 0.60 17.39 -26.09
CA SER E 9 -0.35 17.51 -27.19
C SER E 9 -1.22 16.26 -27.32
N MET E 10 -0.74 15.26 -28.03
CA MET E 10 -1.58 14.14 -28.37
C MET E 10 -1.52 13.05 -27.30
N SER E 11 -2.65 12.41 -27.07
CA SER E 11 -2.74 11.38 -26.05
C SER E 11 -2.06 10.09 -26.46
N ASN E 12 -1.49 10.01 -27.67
CA ASN E 12 -0.79 8.80 -28.09
C ASN E 12 0.73 8.98 -28.11
N GLU E 13 1.23 10.04 -27.47
CA GLU E 13 2.65 10.14 -27.21
C GLU E 13 3.15 8.91 -26.46
N GLN E 14 4.36 8.48 -26.80
CA GLN E 14 4.95 7.29 -26.19
C GLN E 14 6.31 7.62 -25.61
N THR E 15 6.64 6.98 -24.50
CA THR E 15 7.97 7.08 -23.94
C THR E 15 8.49 5.69 -23.61
N PHE E 16 9.81 5.58 -23.54
CA PHE E 16 10.50 4.36 -23.15
C PHE E 16 10.89 4.50 -21.68
N ILE E 17 10.41 3.58 -20.85
CA ILE E 17 10.78 3.50 -19.44
C ILE E 17 11.46 2.16 -19.22
N ALA E 18 12.63 2.18 -18.60
CA ALA E 18 13.33 0.94 -18.31
C ALA E 18 13.54 0.85 -16.81
N ILE E 19 13.31 -0.32 -16.24
CA ILE E 19 13.74 -0.58 -14.87
C ILE E 19 15.12 -1.21 -14.94
N LYS E 20 16.11 -0.54 -14.34
CA LYS E 20 17.51 -0.93 -14.48
C LYS E 20 17.80 -2.16 -13.62
N PRO E 21 18.97 -2.80 -13.81
CA PRO E 21 19.27 -4.00 -13.01
C PRO E 21 19.07 -3.82 -11.52
N ASP E 22 19.39 -2.65 -10.96
CA ASP E 22 19.23 -2.49 -9.53
C ASP E 22 17.74 -2.44 -9.14
N GLY E 23 16.90 -1.85 -10.00
CA GLY E 23 15.47 -1.89 -9.73
C GLY E 23 14.90 -3.30 -9.78
N VAL E 24 15.34 -4.11 -10.75
CA VAL E 24 14.91 -5.51 -10.80
C VAL E 24 15.46 -6.27 -9.60
N GLN E 25 16.74 -6.07 -9.28
CA GLN E 25 17.36 -6.80 -8.18
C GLN E 25 16.68 -6.47 -6.86
N ARG E 26 16.29 -5.23 -6.66
CA ARG E 26 15.70 -4.80 -5.40
C ARG E 26 14.19 -4.99 -5.35
N GLY E 27 13.61 -5.68 -6.33
CA GLY E 27 12.20 -6.00 -6.26
C GLY E 27 11.27 -4.82 -6.47
N LEU E 28 11.61 -3.92 -7.38
CA LEU E 28 10.81 -2.72 -7.59
C LEU E 28 10.01 -2.75 -8.89
N ILE E 29 9.88 -3.90 -9.54
CA ILE E 29 9.14 -3.93 -10.81
C ILE E 29 7.69 -3.58 -10.58
N GLY E 30 7.04 -4.27 -9.65
CA GLY E 30 5.66 -4.01 -9.32
C GLY E 30 5.38 -2.56 -8.98
N PRO E 31 6.09 -2.01 -7.99
CA PRO E 31 5.80 -0.62 -7.60
C PRO E 31 5.96 0.38 -8.73
N ILE E 32 7.00 0.22 -9.55
CA ILE E 32 7.24 1.18 -10.61
C ILE E 32 6.14 1.09 -11.66
N ILE E 33 5.77 -0.13 -12.05
CA ILE E 33 4.66 -0.26 -13.00
C ILE E 33 3.40 0.38 -12.44
N SER E 34 3.14 0.18 -11.14
CA SER E 34 1.93 0.72 -10.54
C SER E 34 1.89 2.23 -10.60
N ARG E 35 3.04 2.90 -10.51
CA ARG E 35 3.04 4.37 -10.57
C ARG E 35 2.52 4.85 -11.92
N PHE E 36 2.98 4.22 -13.00
CA PHE E 36 2.52 4.63 -14.31
C PHE E 36 1.09 4.17 -14.57
N GLU E 37 0.76 2.95 -14.14
CA GLU E 37 -0.62 2.48 -14.23
C GLU E 37 -1.58 3.42 -13.52
N ASN E 38 -1.27 3.73 -12.26
CA ASN E 38 -2.19 4.53 -11.45
C ASN E 38 -2.38 5.92 -12.02
N ARG E 39 -1.35 6.47 -12.64
CA ARG E 39 -1.46 7.82 -13.21
C ARG E 39 -2.42 7.88 -14.39
N GLY E 40 -2.68 6.77 -15.06
CA GLY E 40 -3.55 6.75 -16.22
C GLY E 40 -2.83 6.50 -17.52
N PHE E 41 -1.52 6.26 -17.48
CA PHE E 41 -0.80 5.92 -18.69
C PHE E 41 -1.05 4.47 -19.09
N LYS E 42 -0.88 4.20 -20.36
CA LYS E 42 -1.21 2.91 -20.92
C LYS E 42 0.07 2.15 -21.27
N LEU E 43 0.19 0.92 -20.78
CA LEU E 43 1.30 0.07 -21.13
C LEU E 43 1.05 -0.51 -22.52
N VAL E 44 1.90 -0.18 -23.50
CA VAL E 44 1.75 -0.71 -24.84
C VAL E 44 2.84 -1.71 -25.22
N ALA E 45 3.94 -1.79 -24.47
CA ALA E 45 4.95 -2.82 -24.71
C ALA E 45 5.72 -3.09 -23.42
N MET E 46 6.16 -4.33 -23.24
CA MET E 46 6.98 -4.62 -22.08
C MET E 46 7.69 -5.95 -22.29
N LYS E 47 8.94 -6.01 -21.83
CA LYS E 47 9.61 -7.30 -21.76
C LYS E 47 10.76 -7.23 -20.77
N LEU E 48 11.02 -8.36 -20.12
CA LEU E 48 12.24 -8.53 -19.37
C LEU E 48 13.33 -8.97 -20.33
N VAL E 49 14.45 -8.25 -20.32
N VAL E 49 14.47 -8.28 -20.31
CA VAL E 49 15.52 -8.48 -21.28
CA VAL E 49 15.49 -8.54 -21.31
C VAL E 49 16.87 -8.36 -20.60
C VAL E 49 16.86 -8.24 -20.72
N SER E 50 17.88 -8.95 -21.22
CA SER E 50 19.27 -8.71 -20.87
C SER E 50 19.92 -8.42 -22.22
N PRO E 51 19.87 -7.18 -22.68
CA PRO E 51 20.24 -6.88 -24.06
C PRO E 51 21.75 -7.01 -24.26
N PRO E 52 22.19 -7.19 -25.49
CA PRO E 52 23.63 -7.34 -25.74
C PRO E 52 24.34 -6.00 -25.61
N GLN E 53 25.65 -6.08 -25.39
CA GLN E 53 26.46 -4.88 -25.21
C GLN E 53 26.23 -3.87 -26.34
N SER E 54 26.07 -4.35 -27.58
CA SER E 54 25.97 -3.43 -28.70
C SER E 54 24.68 -2.61 -28.64
N GLN E 55 23.60 -3.23 -28.17
CA GLN E 55 22.37 -2.48 -27.98
C GLN E 55 22.53 -1.40 -26.91
N LEU E 56 23.16 -1.74 -25.79
CA LEU E 56 23.37 -0.77 -24.73
C LEU E 56 24.30 0.35 -25.18
N GLU E 57 25.32 0.00 -25.97
CA GLU E 57 26.20 1.04 -26.51
C GLU E 57 25.44 1.98 -27.44
N GLN E 58 24.50 1.42 -28.21
N GLN E 58 24.51 1.42 -28.23
CA GLN E 58 23.66 2.25 -29.07
CA GLN E 58 23.67 2.27 -29.07
C GLN E 58 22.68 3.08 -28.26
C GLN E 58 22.72 3.11 -28.22
N HIS E 59 22.14 2.52 -27.17
CA HIS E 59 21.25 3.28 -26.28
C HIS E 59 21.97 4.49 -25.71
N TYR E 60 23.22 4.33 -25.31
CA TYR E 60 23.99 5.41 -24.71
C TYR E 60 24.85 6.15 -25.74
N ALA E 61 24.49 6.06 -27.04
CA ALA E 61 25.36 6.59 -28.08
C ALA E 61 25.75 8.04 -27.84
N ASP E 62 24.85 8.84 -27.23
CA ASP E 62 25.16 10.23 -26.97
C ASP E 62 26.23 10.41 -25.89
N LEU E 63 26.61 9.34 -25.19
CA LEU E 63 27.65 9.41 -24.18
C LEU E 63 28.90 8.64 -24.61
N SER E 64 29.02 8.31 -25.91
CA SER E 64 30.09 7.45 -26.37
C SER E 64 31.47 8.07 -26.17
N ASP E 65 31.55 9.41 -26.14
CA ASP E 65 32.82 10.10 -25.94
C ASP E 65 33.02 10.54 -24.49
N LYS E 66 32.20 10.04 -23.57
CA LYS E 66 32.48 10.30 -22.16
C LYS E 66 33.36 9.18 -21.60
N PRO E 67 34.20 9.49 -20.59
CA PRO E 67 35.11 8.46 -20.06
C PRO E 67 34.42 7.37 -19.28
N PHE E 68 33.22 7.61 -18.75
CA PHE E 68 32.48 6.61 -17.99
C PHE E 68 31.64 5.70 -18.87
N PHE E 69 31.69 5.88 -20.19
CA PHE E 69 30.83 5.14 -21.10
C PHE E 69 30.98 3.63 -20.92
N LYS E 70 32.22 3.13 -20.90
CA LYS E 70 32.43 1.69 -20.81
C LYS E 70 31.89 1.14 -19.49
N GLY E 71 32.10 1.87 -18.38
CA GLY E 71 31.61 1.40 -17.10
C GLY E 71 30.10 1.46 -16.99
N LEU E 72 29.47 2.42 -17.66
CA LEU E 72 28.02 2.49 -17.66
C LEU E 72 27.42 1.33 -18.43
N VAL E 73 27.99 1.01 -19.59
CA VAL E 73 27.52 -0.13 -20.37
C VAL E 73 27.71 -1.43 -19.58
N SER E 74 28.86 -1.60 -18.93
CA SER E 74 29.11 -2.84 -18.20
C SER E 74 28.13 -2.99 -17.02
N TYR E 75 27.85 -1.90 -16.31
CA TYR E 75 26.87 -1.99 -15.24
C TYR E 75 25.49 -2.39 -15.77
N MET E 76 25.06 -1.76 -16.87
CA MET E 76 23.75 -2.09 -17.42
C MET E 76 23.68 -3.51 -17.98
N LEU E 77 24.82 -4.17 -18.21
CA LEU E 77 24.84 -5.58 -18.54
C LEU E 77 24.76 -6.49 -17.31
N SER E 78 24.80 -5.94 -16.09
CA SER E 78 25.02 -6.77 -14.92
C SER E 78 23.76 -7.44 -14.38
N GLY E 79 22.60 -7.22 -14.99
CA GLY E 79 21.39 -7.87 -14.57
C GLY E 79 20.28 -7.57 -15.54
N PRO E 80 19.11 -8.19 -15.35
CA PRO E 80 18.01 -8.00 -16.30
C PRO E 80 17.45 -6.59 -16.22
N ILE E 81 16.80 -6.19 -17.31
CA ILE E 81 16.15 -4.91 -17.44
C ILE E 81 14.68 -5.13 -17.80
N CYS E 82 13.79 -4.41 -17.13
CA CYS E 82 12.36 -4.48 -17.48
C CYS E 82 12.10 -3.29 -18.38
N ALA E 83 12.03 -3.55 -19.69
CA ALA E 83 11.89 -2.51 -20.71
C ALA E 83 10.41 -2.29 -21.00
N MET E 84 9.99 -1.03 -21.05
CA MET E 84 8.57 -0.72 -21.22
C MET E 84 8.37 0.44 -22.17
N VAL E 85 7.21 0.45 -22.83
CA VAL E 85 6.72 1.62 -23.56
C VAL E 85 5.39 2.01 -22.94
N TRP E 86 5.29 3.26 -22.48
CA TRP E 86 4.05 3.79 -21.94
C TRP E 86 3.52 4.88 -22.86
N GLU E 87 2.19 4.98 -22.94
CA GLU E 87 1.53 5.89 -23.87
C GLU E 87 0.56 6.80 -23.13
N GLY E 88 0.61 8.08 -23.45
CA GLY E 88 -0.40 8.99 -22.96
C GLY E 88 0.02 10.42 -23.19
N ARG E 89 -0.86 11.33 -22.78
CA ARG E 89 -0.58 12.75 -23.01
C ARG E 89 0.61 13.19 -22.17
N ASP E 90 1.61 13.76 -22.83
CA ASP E 90 2.80 14.28 -22.16
C ASP E 90 3.55 13.19 -21.40
N VAL E 91 3.44 11.94 -21.85
CA VAL E 91 4.04 10.85 -21.08
C VAL E 91 5.55 10.97 -21.02
N VAL E 92 6.21 11.62 -21.99
CA VAL E 92 7.65 11.76 -21.91
C VAL E 92 8.05 12.63 -20.71
N LYS E 93 7.55 13.87 -20.68
CA LYS E 93 7.96 14.78 -19.61
C LYS E 93 7.32 14.38 -18.28
N THR E 94 6.05 14.01 -18.29
CA THR E 94 5.43 13.60 -17.03
C THR E 94 6.04 12.30 -16.53
N GLY E 95 6.39 11.40 -17.44
CA GLY E 95 7.12 10.20 -17.05
C GLY E 95 8.40 10.50 -16.29
N ARG E 96 9.22 11.42 -16.82
CA ARG E 96 10.44 11.81 -16.09
C ARG E 96 10.10 12.41 -14.73
N THR E 97 9.04 13.21 -14.66
CA THR E 97 8.65 13.79 -13.37
C THR E 97 8.27 12.69 -12.39
N ILE E 98 7.59 11.65 -12.88
CA ILE E 98 7.22 10.53 -12.03
C ILE E 98 8.47 9.78 -11.55
N LEU E 99 9.44 9.62 -12.44
CA LEU E 99 10.70 8.98 -12.01
C LEU E 99 11.43 9.83 -10.98
N GLY E 100 11.29 11.15 -11.07
CA GLY E 100 12.05 12.05 -10.22
C GLY E 100 13.36 12.45 -10.85
N ALA E 101 14.06 13.37 -10.17
CA ALA E 101 15.33 13.86 -10.66
C ALA E 101 16.29 12.70 -10.95
N THR E 102 17.03 12.81 -12.05
CA THR E 102 17.95 11.75 -12.45
C THR E 102 18.89 11.36 -11.31
N ASN E 103 19.43 12.34 -10.61
CA ASN E 103 20.22 12.08 -9.42
C ASN E 103 19.26 11.99 -8.24
N PRO E 104 19.12 10.82 -7.62
CA PRO E 104 18.14 10.69 -6.52
C PRO E 104 18.38 11.65 -5.38
N LEU E 105 19.62 12.11 -5.18
CA LEU E 105 19.89 13.08 -4.12
C LEU E 105 19.10 14.37 -4.34
N ALA E 106 18.81 14.70 -5.59
CA ALA E 106 18.03 15.87 -5.95
C ALA E 106 16.54 15.56 -6.14
N SER E 107 16.12 14.31 -5.93
CA SER E 107 14.74 13.95 -6.23
C SER E 107 13.83 14.22 -5.03
N ALA E 108 12.54 14.29 -5.31
CA ALA E 108 11.52 14.55 -4.30
C ALA E 108 10.87 13.26 -3.83
N PRO E 109 10.69 13.08 -2.52
CA PRO E 109 9.80 12.01 -2.04
C PRO E 109 8.46 12.08 -2.74
N GLY E 110 7.91 10.91 -3.06
CA GLY E 110 6.73 10.80 -3.88
C GLY E 110 7.02 10.40 -5.32
N THR E 111 8.24 10.65 -5.79
CA THR E 111 8.70 10.14 -7.07
C THR E 111 9.33 8.77 -6.88
N ILE E 112 9.60 8.08 -7.98
CA ILE E 112 10.19 6.74 -7.86
C ILE E 112 11.57 6.82 -7.21
N ARG E 113 12.42 7.73 -7.71
CA ARG E 113 13.75 7.81 -7.11
C ARG E 113 13.70 8.44 -5.73
N GLY E 114 12.77 9.37 -5.49
CA GLY E 114 12.65 9.95 -4.17
C GLY E 114 12.11 8.98 -3.14
N ASP E 115 11.50 7.87 -3.57
CA ASP E 115 11.03 6.85 -2.64
C ASP E 115 11.98 5.66 -2.50
N PHE E 116 12.81 5.39 -3.52
CA PHE E 116 13.50 4.11 -3.64
C PHE E 116 15.00 4.16 -3.90
N ALA E 117 15.59 5.32 -4.21
CA ALA E 117 16.97 5.32 -4.71
C ALA E 117 17.82 6.38 -4.02
N ILE E 118 19.15 6.16 -4.08
CA ILE E 118 20.09 7.06 -3.42
C ILE E 118 21.16 7.55 -4.40
N ASP E 119 21.88 6.63 -5.03
CA ASP E 119 23.01 6.98 -5.88
C ASP E 119 22.57 7.17 -7.33
N VAL E 120 23.16 8.16 -8.01
CA VAL E 120 22.79 8.40 -9.41
C VAL E 120 23.14 7.19 -10.28
N GLY E 121 24.26 6.51 -10.01
CA GLY E 121 24.61 5.31 -10.74
C GLY E 121 23.78 4.10 -10.37
N ARG E 122 22.92 4.23 -9.36
CA ARG E 122 21.96 3.19 -9.00
C ARG E 122 20.58 3.79 -8.90
N ASN E 123 20.12 4.45 -9.97
CA ASN E 123 18.91 5.25 -9.88
C ASN E 123 17.67 4.52 -10.40
N VAL E 124 17.73 3.18 -10.40
N VAL E 124 17.74 3.18 -10.44
CA VAL E 124 16.58 2.28 -10.48
CA VAL E 124 16.64 2.21 -10.56
C VAL E 124 15.93 2.21 -11.86
C VAL E 124 15.77 2.34 -11.80
N CYS E 125 15.87 3.34 -12.56
N CYS E 125 15.91 3.42 -12.56
CA CYS E 125 15.07 3.43 -13.77
CA CYS E 125 15.00 3.59 -13.70
C CYS E 125 15.67 4.46 -14.73
C CYS E 125 15.59 4.57 -14.70
N HIS E 126 15.16 4.43 -15.95
CA HIS E 126 15.44 5.40 -17.00
C HIS E 126 14.14 5.76 -17.69
N GLY E 127 13.98 7.02 -18.07
CA GLY E 127 12.91 7.41 -18.98
C GLY E 127 13.46 8.33 -20.06
N SER E 128 12.89 8.21 -21.26
CA SER E 128 13.34 9.04 -22.38
C SER E 128 13.24 10.51 -22.01
N ASP E 129 14.22 11.31 -22.48
CA ASP E 129 14.27 12.72 -22.09
C ASP E 129 13.60 13.64 -23.10
N SER E 130 13.20 13.12 -24.25
CA SER E 130 12.51 13.94 -25.24
C SER E 130 11.68 13.01 -26.10
N VAL E 131 10.70 13.60 -26.79
CA VAL E 131 9.86 12.82 -27.69
C VAL E 131 10.70 12.17 -28.78
N GLU E 132 11.66 12.91 -29.34
CA GLU E 132 12.49 12.33 -30.40
C GLU E 132 13.38 11.22 -29.86
N ASN E 133 13.97 11.39 -28.68
CA ASN E 133 14.76 10.30 -28.11
C ASN E 133 13.89 9.11 -27.74
N ALA E 134 12.63 9.36 -27.35
CA ALA E 134 11.74 8.25 -27.02
C ALA E 134 11.48 7.40 -28.25
N LYS E 135 11.24 8.04 -29.40
CA LYS E 135 11.01 7.27 -30.62
C LYS E 135 12.23 6.44 -30.97
N LYS E 136 13.43 7.00 -30.80
CA LYS E 136 14.65 6.25 -31.07
C LYS E 136 14.82 5.09 -30.10
N GLU E 137 14.59 5.33 -28.81
CA GLU E 137 14.76 4.27 -27.83
C GLU E 137 13.71 3.17 -28.03
N ILE E 138 12.46 3.55 -28.28
CA ILE E 138 11.43 2.56 -28.56
C ILE E 138 11.84 1.69 -29.74
N ALA E 139 12.32 2.32 -30.83
CA ALA E 139 12.73 1.56 -32.00
C ALA E 139 13.93 0.67 -31.72
N LEU E 140 14.79 1.07 -30.79
CA LEU E 140 15.98 0.28 -30.49
C LEU E 140 15.67 -0.92 -29.60
N TRP E 141 14.79 -0.74 -28.62
CA TRP E 141 14.55 -1.79 -27.62
C TRP E 141 13.41 -2.74 -27.98
N PHE E 142 12.51 -2.35 -28.87
CA PHE E 142 11.37 -3.18 -29.23
C PHE E 142 11.29 -3.35 -30.75
N LYS E 143 10.90 -4.56 -31.17
CA LYS E 143 10.41 -4.74 -32.52
C LYS E 143 9.03 -4.09 -32.64
N PRO E 144 8.67 -3.58 -33.82
CA PRO E 144 7.37 -2.93 -33.96
C PRO E 144 6.21 -3.82 -33.55
N GLU E 145 6.25 -5.11 -33.88
CA GLU E 145 5.14 -5.97 -33.50
C GLU E 145 5.08 -6.23 -31.99
N GLU E 146 6.02 -5.72 -31.21
CA GLU E 146 5.95 -5.82 -29.76
C GLU E 146 5.19 -4.67 -29.14
N LEU E 147 4.82 -3.66 -29.92
CA LEU E 147 3.94 -2.62 -29.43
C LEU E 147 2.50 -3.08 -29.65
N ILE E 148 1.72 -3.11 -28.57
CA ILE E 148 0.39 -3.71 -28.56
C ILE E 148 -0.66 -2.61 -28.68
N SER E 149 -1.52 -2.72 -29.68
N SER E 149 -1.52 -2.71 -29.68
CA SER E 149 -2.59 -1.75 -29.89
CA SER E 149 -2.58 -1.73 -29.88
C SER E 149 -3.80 -2.16 -29.06
C SER E 149 -3.81 -2.13 -29.09
N TRP E 150 -4.23 -1.29 -28.16
CA TRP E 150 -5.45 -1.57 -27.40
C TRP E 150 -6.01 -0.26 -26.87
N LYS E 151 -7.25 -0.33 -26.39
CA LYS E 151 -7.95 0.85 -25.90
C LYS E 151 -8.42 0.57 -24.48
N SER E 152 -8.01 1.43 -23.55
CA SER E 152 -8.38 1.27 -22.16
C SER E 152 -9.87 1.51 -21.95
N ALA E 153 -10.50 0.65 -21.16
CA ALA E 153 -11.89 0.83 -20.79
C ALA E 153 -12.16 2.16 -20.12
N THR E 154 -11.16 2.78 -19.50
CA THR E 154 -11.35 4.06 -18.83
C THR E 154 -10.71 5.22 -19.59
N PHE E 155 -10.42 5.04 -20.88
CA PHE E 155 -9.81 6.10 -21.68
C PHE E 155 -10.56 7.42 -21.55
N ASP E 156 -11.88 7.39 -21.74
CA ASP E 156 -12.68 8.61 -21.72
C ASP E 156 -12.86 9.19 -20.32
N TRP E 157 -12.47 8.47 -19.26
CA TRP E 157 -12.44 9.06 -17.93
C TRP E 157 -11.06 9.60 -17.57
N VAL E 158 -10.02 9.15 -18.27
CA VAL E 158 -8.69 9.71 -18.09
C VAL E 158 -8.50 10.95 -18.96
N TYR E 159 -9.10 10.96 -20.15
CA TYR E 159 -8.90 12.03 -21.11
C TYR E 159 -10.21 12.70 -21.48
N GLU E 160 -10.15 14.02 -21.62
CA GLU E 160 -11.31 14.77 -22.09
C GLU E 160 -11.51 14.53 -23.57
N LYS E 161 -12.75 14.18 -23.95
CA LYS E 161 -13.06 13.84 -25.33
C LYS E 161 -12.95 15.06 -26.25
N SER F 9 -5.18 28.59 10.86
CA SER F 9 -5.35 29.18 12.17
C SER F 9 -6.08 28.26 13.18
N MET F 10 -7.40 28.15 13.07
N MET F 10 -7.40 28.15 13.07
CA MET F 10 -8.16 27.33 14.01
CA MET F 10 -8.16 27.33 14.01
C MET F 10 -8.37 25.92 13.46
C MET F 10 -8.36 25.92 13.46
N SER F 11 -8.38 24.94 14.37
CA SER F 11 -8.47 23.54 13.99
C SER F 11 -9.86 23.12 13.52
N ASN F 12 -10.86 24.00 13.57
CA ASN F 12 -12.19 23.66 13.11
C ASN F 12 -12.51 24.25 11.74
N GLU F 13 -11.49 24.70 11.01
CA GLU F 13 -11.69 25.14 9.65
C GLU F 13 -12.21 23.97 8.81
N GLN F 14 -13.04 24.28 7.81
CA GLN F 14 -13.68 23.27 6.99
C GLN F 14 -13.50 23.58 5.50
N THR F 15 -13.41 22.52 4.69
CA THR F 15 -13.33 22.68 3.26
C THR F 15 -14.19 21.64 2.57
N PHE F 16 -14.61 21.97 1.36
CA PHE F 16 -15.36 21.05 0.53
C PHE F 16 -14.38 20.35 -0.40
N ILE F 17 -14.36 19.01 -0.33
CA ILE F 17 -13.61 18.15 -1.24
C ILE F 17 -14.60 17.29 -1.98
N ALA F 18 -14.51 17.26 -3.30
CA ALA F 18 -15.39 16.42 -4.07
C ALA F 18 -14.55 15.51 -4.94
N ILE F 19 -14.95 14.26 -5.02
CA ILE F 19 -14.35 13.34 -5.99
C ILE F 19 -15.26 13.35 -7.22
N LYS F 20 -14.69 13.70 -8.36
CA LYS F 20 -15.47 13.97 -9.56
C LYS F 20 -15.84 12.66 -10.23
N PRO F 21 -16.73 12.69 -11.23
CA PRO F 21 -17.19 11.43 -11.82
C PRO F 21 -16.06 10.54 -12.32
N ASP F 22 -14.99 11.13 -12.85
CA ASP F 22 -13.87 10.30 -13.29
C ASP F 22 -13.17 9.64 -12.11
N GLY F 23 -13.07 10.34 -10.98
CA GLY F 23 -12.46 9.72 -9.80
C GLY F 23 -13.28 8.55 -9.30
N VAL F 24 -14.61 8.68 -9.32
CA VAL F 24 -15.48 7.59 -8.91
C VAL F 24 -15.39 6.43 -9.89
N GLN F 25 -15.45 6.74 -11.19
CA GLN F 25 -15.39 5.71 -12.23
C GLN F 25 -14.08 4.94 -12.17
N ARG F 26 -12.99 5.62 -11.86
CA ARG F 26 -11.67 5.00 -11.87
C ARG F 26 -11.32 4.35 -10.53
N GLY F 27 -12.26 4.34 -9.57
CA GLY F 27 -12.07 3.60 -8.34
C GLY F 27 -11.08 4.28 -7.40
N LEU F 28 -11.16 5.60 -7.31
CA LEU F 28 -10.23 6.37 -6.48
C LEU F 28 -10.85 6.89 -5.19
N ILE F 29 -12.08 6.48 -4.85
CA ILE F 29 -12.70 6.98 -3.62
C ILE F 29 -11.88 6.61 -2.40
N GLY F 30 -11.59 5.32 -2.22
CA GLY F 30 -10.82 4.86 -1.08
C GLY F 30 -9.48 5.56 -0.92
N PRO F 31 -8.67 5.56 -1.99
CA PRO F 31 -7.34 6.19 -1.87
C PRO F 31 -7.40 7.68 -1.55
N ILE F 32 -8.37 8.40 -2.13
CA ILE F 32 -8.43 9.84 -1.89
C ILE F 32 -8.86 10.10 -0.46
N ILE F 33 -9.88 9.37 0.03
CA ILE F 33 -10.26 9.53 1.42
C ILE F 33 -9.07 9.23 2.34
N SER F 34 -8.30 8.19 2.03
CA SER F 34 -7.16 7.82 2.87
C SER F 34 -6.13 8.94 2.96
N ARG F 35 -5.91 9.68 1.87
CA ARG F 35 -4.95 10.79 1.92
C ARG F 35 -5.34 11.80 3.01
N PHE F 36 -6.62 12.17 3.06
CA PHE F 36 -7.06 13.13 4.06
C PHE F 36 -7.11 12.51 5.44
N GLU F 37 -7.60 11.27 5.55
CA GLU F 37 -7.62 10.58 6.84
C GLU F 37 -6.22 10.50 7.42
N ASN F 38 -5.25 10.08 6.60
CA ASN F 38 -3.90 9.87 7.10
C ASN F 38 -3.24 11.16 7.54
N ARG F 39 -3.61 12.28 6.91
CA ARG F 39 -3.01 13.56 7.27
C ARG F 39 -3.45 14.01 8.65
N GLY F 40 -4.57 13.51 9.13
CA GLY F 40 -5.12 13.92 10.41
C GLY F 40 -6.38 14.76 10.29
N PHE F 41 -6.86 15.03 9.08
CA PHE F 41 -8.11 15.78 8.91
C PHE F 41 -9.30 14.91 9.26
N LYS F 42 -10.38 15.55 9.68
CA LYS F 42 -11.55 14.86 10.19
C LYS F 42 -12.68 14.96 9.17
N LEU F 43 -13.20 13.81 8.75
CA LEU F 43 -14.35 13.79 7.87
C LEU F 43 -15.60 14.12 8.67
N VAL F 44 -16.29 15.22 8.31
CA VAL F 44 -17.49 15.61 9.04
C VAL F 44 -18.75 15.51 8.20
N ALA F 45 -18.63 15.34 6.88
CA ALA F 45 -19.80 15.07 6.06
C ALA F 45 -19.36 14.34 4.81
N MET F 46 -20.22 13.47 4.31
CA MET F 46 -19.92 12.77 3.07
C MET F 46 -21.21 12.20 2.51
N LYS F 47 -21.35 12.27 1.20
CA LYS F 47 -22.41 11.52 0.55
C LYS F 47 -22.02 11.29 -0.90
N LEU F 48 -22.50 10.17 -1.44
CA LEU F 48 -22.47 9.95 -2.87
C LEU F 48 -23.73 10.57 -3.44
N VAL F 49 -23.57 11.39 -4.48
CA VAL F 49 -24.68 12.18 -4.99
C VAL F 49 -24.50 12.39 -6.48
N SER F 50 -25.62 12.48 -7.21
CA SER F 50 -25.62 12.94 -8.60
C SER F 50 -26.45 14.21 -8.62
N PRO F 51 -25.84 15.36 -8.37
CA PRO F 51 -26.62 16.57 -8.07
C PRO F 51 -27.35 17.08 -9.29
N PRO F 52 -28.43 17.84 -9.11
CA PRO F 52 -29.16 18.38 -10.26
C PRO F 52 -28.31 19.41 -11.01
N GLN F 53 -28.68 19.61 -12.28
CA GLN F 53 -27.94 20.56 -13.11
C GLN F 53 -27.89 21.94 -12.48
N SER F 54 -28.98 22.38 -11.86
CA SER F 54 -29.02 23.72 -11.27
C SER F 54 -27.98 23.84 -10.16
N GLN F 55 -27.79 22.78 -9.38
CA GLN F 55 -26.78 22.82 -8.33
C GLN F 55 -25.37 22.89 -8.92
N LEU F 56 -25.11 22.13 -9.98
CA LEU F 56 -23.79 22.21 -10.60
C LEU F 56 -23.56 23.57 -11.23
N GLU F 57 -24.60 24.16 -11.82
CA GLU F 57 -24.47 25.48 -12.40
C GLU F 57 -24.18 26.54 -11.33
N GLN F 58 -24.73 26.35 -10.13
CA GLN F 58 -24.42 27.28 -9.04
C GLN F 58 -23.00 27.07 -8.53
N HIS F 59 -22.59 25.81 -8.35
CA HIS F 59 -21.21 25.50 -7.96
C HIS F 59 -20.23 26.19 -8.89
N TYR F 60 -20.49 26.12 -10.19
CA TYR F 60 -19.61 26.68 -11.20
C TYR F 60 -20.06 28.06 -11.65
N ALA F 61 -20.70 28.81 -10.76
CA ALA F 61 -21.24 30.10 -11.16
C ALA F 61 -20.16 31.01 -11.75
N ASP F 62 -18.93 30.96 -11.21
CA ASP F 62 -17.84 31.78 -11.73
C ASP F 62 -17.48 31.45 -13.17
N LEU F 63 -17.88 30.29 -13.68
CA LEU F 63 -17.58 29.89 -15.05
C LEU F 63 -18.76 30.06 -16.00
N SER F 64 -19.89 30.58 -15.52
CA SER F 64 -21.12 30.55 -16.30
C SER F 64 -21.05 31.47 -17.51
N ASP F 65 -20.21 32.50 -17.45
CA ASP F 65 -20.03 33.39 -18.59
C ASP F 65 -18.72 33.13 -19.32
N LYS F 66 -18.13 31.97 -19.10
CA LYS F 66 -16.90 31.57 -19.78
C LYS F 66 -17.21 30.51 -20.83
N PRO F 67 -16.29 30.29 -21.77
CA PRO F 67 -16.55 29.33 -22.85
C PRO F 67 -16.80 27.92 -22.35
N PHE F 68 -17.65 27.19 -23.07
CA PHE F 68 -17.84 25.75 -22.89
C PHE F 68 -18.38 25.41 -21.50
N PHE F 69 -19.19 26.33 -20.97
CA PHE F 69 -19.85 26.08 -19.69
C PHE F 69 -20.80 24.90 -19.79
N LYS F 70 -21.62 24.85 -20.84
CA LYS F 70 -22.57 23.75 -20.98
C LYS F 70 -21.86 22.39 -20.96
N GLY F 71 -20.71 22.29 -21.62
CA GLY F 71 -20.02 21.02 -21.69
C GLY F 71 -19.43 20.59 -20.35
N LEU F 72 -18.92 21.55 -19.58
CA LEU F 72 -18.49 21.25 -18.22
C LEU F 72 -19.64 20.68 -17.41
N VAL F 73 -20.78 21.37 -17.41
CA VAL F 73 -21.93 20.92 -16.64
C VAL F 73 -22.38 19.53 -17.10
N SER F 74 -22.42 19.30 -18.42
N SER F 74 -22.41 19.30 -18.41
CA SER F 74 -22.84 18.00 -18.90
CA SER F 74 -22.85 18.00 -18.92
C SER F 74 -21.89 16.92 -18.43
C SER F 74 -21.89 16.90 -18.48
N TYR F 75 -20.59 17.20 -18.46
CA TYR F 75 -19.63 16.23 -17.98
C TYR F 75 -19.83 15.94 -16.50
N MET F 76 -20.05 16.98 -15.69
CA MET F 76 -20.20 16.76 -14.26
C MET F 76 -21.53 16.09 -13.90
N LEU F 77 -22.49 16.07 -14.82
CA LEU F 77 -23.70 15.27 -14.68
C LEU F 77 -23.52 13.82 -15.10
N SER F 78 -22.36 13.47 -15.65
CA SER F 78 -22.24 12.19 -16.35
C SER F 78 -21.90 11.02 -15.44
N GLY F 79 -21.71 11.25 -14.15
CA GLY F 79 -21.47 10.18 -13.22
C GLY F 79 -21.63 10.67 -11.81
N PRO F 80 -21.61 9.76 -10.84
CA PRO F 80 -21.74 10.18 -9.44
C PRO F 80 -20.53 10.97 -8.97
N ILE F 81 -20.77 11.69 -7.87
CA ILE F 81 -19.77 12.52 -7.22
C ILE F 81 -19.74 12.13 -5.75
N CYS F 82 -18.55 11.95 -5.20
CA CYS F 82 -18.42 11.73 -3.75
C CYS F 82 -18.12 13.09 -3.14
N ALA F 83 -19.11 13.68 -2.47
CA ALA F 83 -18.97 14.99 -1.85
C ALA F 83 -18.61 14.84 -0.39
N MET F 84 -17.69 15.70 0.09
CA MET F 84 -17.15 15.53 1.43
C MET F 84 -16.92 16.89 2.06
N VAL F 85 -17.03 16.93 3.38
CA VAL F 85 -16.52 18.06 4.16
C VAL F 85 -15.44 17.54 5.09
N TRP F 86 -14.24 18.14 5.02
CA TRP F 86 -13.12 17.78 5.88
C TRP F 86 -12.79 18.97 6.78
N GLU F 87 -12.37 18.67 8.01
CA GLU F 87 -12.18 19.70 9.01
C GLU F 87 -10.80 19.56 9.64
N GLY F 88 -10.12 20.69 9.80
CA GLY F 88 -8.81 20.69 10.42
C GLY F 88 -8.13 22.02 10.23
N ARG F 89 -6.99 22.17 10.88
CA ARG F 89 -6.26 23.42 10.79
C ARG F 89 -5.73 23.60 9.37
N ASP F 90 -6.04 24.76 8.78
N ASP F 90 -6.05 24.76 8.78
CA ASP F 90 -5.62 25.12 7.43
CA ASP F 90 -5.62 25.11 7.42
C ASP F 90 -6.02 24.05 6.42
C ASP F 90 -6.01 24.03 6.42
N VAL F 91 -7.15 23.37 6.66
CA VAL F 91 -7.57 22.30 5.76
C VAL F 91 -7.88 22.81 4.36
N VAL F 92 -8.31 24.07 4.21
CA VAL F 92 -8.55 24.60 2.86
C VAL F 92 -7.27 24.61 2.05
N LYS F 93 -6.24 25.29 2.57
CA LYS F 93 -5.01 25.43 1.82
C LYS F 93 -4.26 24.10 1.74
N THR F 94 -4.21 23.36 2.85
CA THR F 94 -3.47 22.11 2.84
C THR F 94 -4.20 21.05 2.02
N GLY F 95 -5.53 21.09 2.02
CA GLY F 95 -6.28 20.20 1.16
C GLY F 95 -5.95 20.43 -0.30
N ARG F 96 -5.86 21.69 -0.72
CA ARG F 96 -5.48 21.97 -2.11
C ARG F 96 -4.09 21.44 -2.41
N THR F 97 -3.18 21.56 -1.45
CA THR F 97 -1.83 21.04 -1.65
C THR F 97 -1.82 19.52 -1.75
N ILE F 98 -2.66 18.85 -0.95
CA ILE F 98 -2.80 17.39 -1.05
C ILE F 98 -3.38 17.00 -2.39
N LEU F 99 -4.38 17.74 -2.89
CA LEU F 99 -4.92 17.44 -4.22
C LEU F 99 -3.87 17.61 -5.31
N GLY F 100 -2.96 18.56 -5.13
CA GLY F 100 -1.99 18.87 -6.16
C GLY F 100 -2.51 19.95 -7.09
N ALA F 101 -1.59 20.42 -7.94
CA ALA F 101 -1.94 21.48 -8.90
C ALA F 101 -3.19 21.10 -9.66
N THR F 102 -4.04 22.10 -9.92
CA THR F 102 -5.34 21.82 -10.53
C THR F 102 -5.18 21.14 -11.89
N ASN F 103 -4.24 21.62 -12.69
CA ASN F 103 -3.88 20.91 -13.91
C ASN F 103 -2.90 19.80 -13.55
N PRO F 104 -3.24 18.54 -13.78
CA PRO F 104 -2.34 17.46 -13.35
C PRO F 104 -0.97 17.54 -13.99
N LEU F 105 -0.84 18.16 -15.17
CA LEU F 105 0.48 18.27 -15.79
C LEU F 105 1.44 19.07 -14.92
N ALA F 106 0.92 19.97 -14.09
CA ALA F 106 1.75 20.78 -13.22
C ALA F 106 1.87 20.23 -11.82
N SER F 107 1.24 19.09 -11.53
CA SER F 107 1.18 18.59 -10.16
C SER F 107 2.41 17.74 -9.83
N ALA F 108 2.64 17.55 -8.52
CA ALA F 108 3.79 16.80 -8.09
C ALA F 108 3.39 15.38 -7.70
N PRO F 109 4.16 14.38 -8.12
CA PRO F 109 3.96 13.03 -7.59
C PRO F 109 3.94 13.08 -6.07
N GLY F 110 3.11 12.24 -5.47
CA GLY F 110 2.81 12.33 -4.05
C GLY F 110 1.53 13.07 -3.72
N THR F 111 1.02 13.89 -4.64
CA THR F 111 -0.31 14.47 -4.51
C THR F 111 -1.33 13.58 -5.21
N ILE F 112 -2.61 13.89 -5.01
CA ILE F 112 -3.66 13.06 -5.63
C ILE F 112 -3.56 13.15 -7.15
N ARG F 113 -3.50 14.37 -7.69
CA ARG F 113 -3.44 14.47 -9.13
C ARG F 113 -2.09 14.06 -9.68
N GLY F 114 -1.02 14.25 -8.90
CA GLY F 114 0.29 13.79 -9.33
C GLY F 114 0.44 12.28 -9.31
N ASP F 115 -0.45 11.58 -8.61
CA ASP F 115 -0.44 10.13 -8.62
C ASP F 115 -1.46 9.51 -9.55
N PHE F 116 -2.56 10.22 -9.87
CA PHE F 116 -3.72 9.58 -10.48
C PHE F 116 -4.26 10.24 -11.73
N ALA F 117 -3.82 11.45 -12.12
CA ALA F 117 -4.54 12.21 -13.14
C ALA F 117 -3.59 12.81 -14.17
N ILE F 118 -4.15 13.09 -15.35
CA ILE F 118 -3.38 13.57 -16.49
C ILE F 118 -3.98 14.85 -17.08
N ASP F 119 -5.28 14.82 -17.38
CA ASP F 119 -5.98 15.91 -18.07
C ASP F 119 -6.64 16.85 -17.05
N VAL F 120 -6.59 18.15 -17.31
CA VAL F 120 -7.21 19.09 -16.38
C VAL F 120 -8.72 18.92 -16.36
N GLY F 121 -9.33 18.56 -17.50
CA GLY F 121 -10.76 18.30 -17.55
C GLY F 121 -11.16 16.95 -16.99
N ARG F 122 -10.20 16.15 -16.58
CA ARG F 122 -10.39 14.86 -15.92
C ARG F 122 -9.47 14.79 -14.71
N ASN F 123 -9.56 15.78 -13.81
CA ASN F 123 -8.57 15.92 -12.76
C ASN F 123 -9.07 15.38 -11.43
N VAL F 124 -10.05 14.46 -11.47
CA VAL F 124 -10.34 13.49 -10.41
C VAL F 124 -11.07 14.09 -9.22
N CYS F 125 -10.77 15.35 -8.87
CA CYS F 125 -11.27 15.86 -7.60
C CYS F 125 -11.31 17.38 -7.64
N HIS F 126 -12.00 17.95 -6.66
CA HIS F 126 -12.09 19.39 -6.45
C HIS F 126 -11.87 19.69 -4.98
N GLY F 127 -11.24 20.82 -4.69
CA GLY F 127 -11.20 21.31 -3.32
C GLY F 127 -11.44 22.81 -3.29
N SER F 128 -12.15 23.30 -2.27
CA SER F 128 -12.42 24.73 -2.16
C SER F 128 -11.11 25.51 -2.20
N ASP F 129 -11.13 26.67 -2.85
CA ASP F 129 -9.89 27.42 -3.01
C ASP F 129 -9.71 28.52 -1.96
N SER F 130 -10.70 28.74 -1.10
CA SER F 130 -10.59 29.74 -0.06
C SER F 130 -11.54 29.38 1.08
N VAL F 131 -11.29 29.97 2.24
CA VAL F 131 -12.18 29.73 3.37
C VAL F 131 -13.60 30.17 3.04
N GLU F 132 -13.74 31.34 2.41
CA GLU F 132 -15.09 31.84 2.14
C GLU F 132 -15.77 31.03 1.04
N ASN F 133 -15.03 30.63 0.01
CA ASN F 133 -15.63 29.75 -1.00
C ASN F 133 -15.96 28.37 -0.44
N ALA F 134 -15.16 27.88 0.51
CA ALA F 134 -15.49 26.62 1.17
C ALA F 134 -16.83 26.72 1.89
N LYS F 135 -17.05 27.80 2.63
CA LYS F 135 -18.34 27.92 3.33
C LYS F 135 -19.50 27.91 2.34
N LYS F 136 -19.32 28.57 1.20
CA LYS F 136 -20.37 28.63 0.19
C LYS F 136 -20.63 27.25 -0.41
N GLU F 137 -19.54 26.53 -0.75
CA GLU F 137 -19.69 25.21 -1.35
C GLU F 137 -20.27 24.21 -0.36
N ILE F 138 -19.84 24.26 0.90
CA ILE F 138 -20.43 23.38 1.90
C ILE F 138 -21.94 23.61 2.01
N ALA F 139 -22.37 24.88 2.04
CA ALA F 139 -23.79 25.19 2.11
C ALA F 139 -24.53 24.74 0.86
N LEU F 140 -23.88 24.83 -0.30
CA LEU F 140 -24.52 24.41 -1.53
C LEU F 140 -24.71 22.90 -1.58
N TRP F 141 -23.73 22.13 -1.09
CA TRP F 141 -23.74 20.69 -1.32
C TRP F 141 -24.34 19.91 -0.15
N PHE F 142 -24.44 20.51 1.02
CA PHE F 142 -24.84 19.79 2.22
C PHE F 142 -25.91 20.56 2.99
N LYS F 143 -26.91 19.82 3.46
CA LYS F 143 -27.78 20.36 4.50
C LYS F 143 -27.00 20.41 5.82
N PRO F 144 -27.28 21.40 6.68
CA PRO F 144 -26.54 21.47 7.95
C PRO F 144 -26.61 20.19 8.76
N GLU F 145 -27.74 19.49 8.73
CA GLU F 145 -27.89 18.23 9.47
C GLU F 145 -26.94 17.16 8.98
N GLU F 146 -26.38 17.31 7.77
CA GLU F 146 -25.49 16.32 7.21
C GLU F 146 -24.06 16.48 7.70
N LEU F 147 -23.77 17.57 8.40
CA LEU F 147 -22.47 17.83 9.00
C LEU F 147 -22.48 17.22 10.40
N ILE F 148 -21.65 16.20 10.61
CA ILE F 148 -21.69 15.38 11.80
C ILE F 148 -20.70 15.92 12.82
N SER F 149 -21.17 16.21 14.03
CA SER F 149 -20.30 16.72 15.08
C SER F 149 -19.73 15.54 15.87
N TRP F 150 -18.40 15.43 15.89
CA TRP F 150 -17.76 14.38 16.68
C TRP F 150 -16.34 14.81 17.03
N LYS F 151 -15.75 14.07 17.97
CA LYS F 151 -14.42 14.36 18.50
C LYS F 151 -13.52 13.17 18.23
N SER F 152 -12.47 13.38 17.45
CA SER F 152 -11.53 12.28 17.17
C SER F 152 -10.79 11.89 18.43
N ALA F 153 -10.68 10.58 18.66
CA ALA F 153 -9.87 10.05 19.76
C ALA F 153 -8.43 10.53 19.73
N THR F 154 -7.90 10.90 18.56
CA THR F 154 -6.50 11.30 18.49
C THR F 154 -6.34 12.80 18.28
N PHE F 155 -7.39 13.58 18.55
CA PHE F 155 -7.33 15.03 18.35
C PHE F 155 -6.10 15.65 19.02
N ASP F 156 -5.83 15.30 20.28
CA ASP F 156 -4.73 15.91 21.01
C ASP F 156 -3.37 15.36 20.61
N TRP F 157 -3.33 14.36 19.73
CA TRP F 157 -2.08 13.90 19.15
C TRP F 157 -1.84 14.45 17.75
N VAL F 158 -2.90 14.93 17.09
CA VAL F 158 -2.77 15.68 15.84
C VAL F 158 -2.50 17.16 16.08
N TYR F 159 -3.08 17.72 17.14
CA TYR F 159 -3.04 19.17 17.35
C TYR F 159 -2.41 19.49 18.69
N GLU F 160 -1.57 20.53 18.70
CA GLU F 160 -1.01 21.03 19.95
C GLU F 160 -1.91 22.04 20.65
N LYS F 161 -2.90 22.58 19.94
CA LYS F 161 -3.78 23.63 20.45
C LYS F 161 -5.08 23.58 19.66
N ALA F 162 -6.06 24.37 20.10
CA ALA F 162 -7.30 24.48 19.35
C ALA F 162 -7.10 25.35 18.12
#